data_2MXO
#
_entry.id   2MXO
#
_entity_poly.entity_id   1
_entity_poly.type   'polypeptide(L)'
_entity_poly.pdbx_seq_one_letter_code
;AECKGFWKSCVPGKNECCSGYACSSRDKWCKVLL
;
_entity_poly.pdbx_strand_id   A
#
# COMPACT_ATOMS: atom_id res chain seq x y z
N ALA A 1 9.44 -5.09 -12.54
CA ALA A 1 8.16 -4.42 -12.35
C ALA A 1 8.17 -3.58 -11.08
N GLU A 2 7.91 -2.27 -11.24
CA GLU A 2 7.90 -1.36 -10.10
C GLU A 2 6.84 -1.78 -9.09
N CYS A 3 6.88 -1.14 -7.92
CA CYS A 3 5.92 -1.44 -6.85
C CYS A 3 5.31 -0.16 -6.29
N LYS A 4 4.15 -0.30 -5.67
CA LYS A 4 3.45 0.85 -5.09
C LYS A 4 4.37 1.60 -4.12
N GLY A 5 3.90 2.74 -3.62
CA GLY A 5 4.67 3.53 -2.69
C GLY A 5 4.00 3.67 -1.35
N PHE A 6 3.90 4.91 -0.86
CA PHE A 6 3.28 5.18 0.43
C PHE A 6 1.98 5.97 0.25
N TRP A 7 1.95 6.82 -0.78
CA TRP A 7 0.77 7.64 -1.06
C TRP A 7 -0.02 7.05 -2.23
N LYS A 8 0.56 6.07 -2.90
CA LYS A 8 -0.10 5.42 -4.03
C LYS A 8 -1.46 4.88 -3.64
N SER A 9 -2.22 4.40 -4.62
CA SER A 9 -3.54 3.85 -4.37
C SER A 9 -3.55 2.34 -4.57
N CYS A 10 -3.81 1.61 -3.48
CA CYS A 10 -3.84 0.15 -3.54
C CYS A 10 -5.17 -0.38 -3.00
N VAL A 11 -5.45 -1.65 -3.28
CA VAL A 11 -6.68 -2.28 -2.82
C VAL A 11 -6.41 -3.35 -1.78
N PRO A 12 -7.41 -3.64 -0.94
CA PRO A 12 -7.30 -4.65 0.11
C PRO A 12 -7.23 -6.06 -0.44
N GLY A 13 -6.23 -6.83 0.00
CA GLY A 13 -6.07 -8.19 -0.46
C GLY A 13 -4.97 -8.32 -1.49
N LYS A 14 -4.61 -7.21 -2.11
CA LYS A 14 -3.56 -7.21 -3.12
C LYS A 14 -2.19 -6.89 -2.50
N ASN A 15 -2.15 -5.83 -1.70
CA ASN A 15 -0.91 -5.42 -1.05
C ASN A 15 0.19 -5.17 -2.07
N GLU A 16 -0.10 -4.31 -3.04
CA GLU A 16 0.87 -3.97 -4.08
C GLU A 16 2.06 -3.22 -3.51
N CYS A 17 1.83 -2.55 -2.38
CA CYS A 17 2.88 -1.79 -1.72
C CYS A 17 4.13 -2.65 -1.50
N CYS A 18 5.29 -2.00 -1.42
CA CYS A 18 6.54 -2.70 -1.22
C CYS A 18 6.56 -3.41 0.14
N SER A 19 7.46 -4.37 0.29
CA SER A 19 7.59 -5.12 1.53
C SER A 19 7.74 -4.18 2.72
N GLY A 20 6.99 -4.44 3.78
CA GLY A 20 7.07 -3.61 4.96
C GLY A 20 5.94 -2.61 5.06
N TYR A 21 5.28 -2.36 3.92
CA TYR A 21 4.17 -1.42 3.87
C TYR A 21 2.84 -2.15 3.99
N ALA A 22 1.85 -1.48 4.60
CA ALA A 22 0.53 -2.05 4.78
C ALA A 22 -0.49 -1.37 3.89
N CYS A 23 -1.66 -2.00 3.74
CA CYS A 23 -2.73 -1.45 2.91
C CYS A 23 -3.95 -1.12 3.75
N SER A 24 -4.54 0.05 3.48
CA SER A 24 -5.72 0.49 4.22
C SER A 24 -6.90 0.70 3.28
N SER A 25 -7.91 -0.16 3.40
CA SER A 25 -9.10 -0.07 2.56
C SER A 25 -9.94 1.15 2.94
N ARG A 26 -9.76 1.62 4.16
CA ARG A 26 -10.51 2.78 4.65
C ARG A 26 -10.40 3.94 3.67
N ASP A 27 -9.18 4.24 3.24
CA ASP A 27 -8.93 5.33 2.31
C ASP A 27 -8.38 4.81 0.99
N LYS A 28 -8.17 3.50 0.92
CA LYS A 28 -7.66 2.86 -0.29
C LYS A 28 -6.30 3.45 -0.67
N TRP A 29 -5.37 3.46 0.28
CA TRP A 29 -4.03 3.98 0.05
C TRP A 29 -2.97 3.07 0.65
N CYS A 30 -1.72 3.50 0.58
CA CYS A 30 -0.61 2.74 1.12
C CYS A 30 -0.26 3.19 2.54
N LYS A 31 0.47 2.35 3.26
CA LYS A 31 0.88 2.66 4.62
C LYS A 31 2.32 2.25 4.87
N VAL A 32 3.00 2.99 5.76
CA VAL A 32 4.38 2.70 6.10
C VAL A 32 4.59 2.64 7.61
N LEU A 33 5.28 1.60 8.06
CA LEU A 33 5.55 1.43 9.49
C LEU A 33 6.35 2.60 10.04
N LEU A 34 5.86 3.21 11.10
CA LEU A 34 6.54 4.34 11.73
C LEU A 34 7.94 3.96 12.18
N ALA A 1 6.56 -0.11 -14.10
CA ALA A 1 7.04 -1.45 -13.76
C ALA A 1 7.62 -1.48 -12.35
N GLU A 2 7.17 -0.55 -11.50
CA GLU A 2 7.65 -0.49 -10.13
C GLU A 2 6.52 -0.78 -9.15
N CYS A 3 6.89 -1.12 -7.92
CA CYS A 3 5.91 -1.43 -6.88
C CYS A 3 5.29 -0.15 -6.31
N LYS A 4 4.14 -0.29 -5.68
CA LYS A 4 3.44 0.85 -5.09
C LYS A 4 4.35 1.60 -4.13
N GLY A 5 3.87 2.73 -3.62
CA GLY A 5 4.65 3.52 -2.69
C GLY A 5 3.98 3.66 -1.34
N PHE A 6 3.89 4.89 -0.85
CA PHE A 6 3.27 5.16 0.44
C PHE A 6 1.97 5.94 0.26
N TRP A 7 1.95 6.81 -0.73
CA TRP A 7 0.76 7.62 -1.01
C TRP A 7 -0.05 7.03 -2.16
N LYS A 8 0.54 6.07 -2.86
CA LYS A 8 -0.13 5.41 -3.98
C LYS A 8 -1.48 4.86 -3.56
N SER A 9 -2.26 4.40 -4.54
CA SER A 9 -3.58 3.85 -4.26
C SER A 9 -3.58 2.34 -4.48
N CYS A 10 -3.79 1.59 -3.40
CA CYS A 10 -3.81 0.14 -3.47
C CYS A 10 -5.13 -0.41 -2.93
N VAL A 11 -5.46 -1.64 -3.32
CA VAL A 11 -6.70 -2.28 -2.88
C VAL A 11 -6.42 -3.33 -1.83
N PRO A 12 -7.43 -3.60 -0.98
CA PRO A 12 -7.32 -4.61 0.09
C PRO A 12 -7.25 -6.03 -0.45
N GLY A 13 -6.24 -6.77 0.00
CA GLY A 13 -6.07 -8.14 -0.45
C GLY A 13 -4.97 -8.29 -1.47
N LYS A 14 -4.59 -7.18 -2.10
CA LYS A 14 -3.52 -7.19 -3.10
C LYS A 14 -2.17 -6.89 -2.47
N ASN A 15 -2.11 -5.80 -1.70
CA ASN A 15 -0.87 -5.40 -1.04
C ASN A 15 0.23 -5.11 -2.05
N GLU A 16 -0.10 -4.29 -3.05
CA GLU A 16 0.87 -3.92 -4.08
C GLU A 16 2.04 -3.17 -3.49
N CYS A 17 1.82 -2.52 -2.35
CA CYS A 17 2.87 -1.76 -1.68
C CYS A 17 4.11 -2.63 -1.48
N CYS A 18 5.27 -1.98 -1.43
CA CYS A 18 6.54 -2.68 -1.23
C CYS A 18 6.57 -3.38 0.12
N SER A 19 7.47 -4.35 0.25
CA SER A 19 7.59 -5.10 1.51
C SER A 19 7.76 -4.16 2.68
N GLY A 20 7.01 -4.42 3.75
CA GLY A 20 7.08 -3.59 4.94
C GLY A 20 5.94 -2.59 5.02
N TYR A 21 5.28 -2.35 3.90
CA TYR A 21 4.17 -1.41 3.85
C TYR A 21 2.84 -2.15 3.99
N ALA A 22 1.86 -1.46 4.58
CA ALA A 22 0.54 -2.05 4.79
C ALA A 22 -0.49 -1.38 3.87
N CYS A 23 -1.65 -2.01 3.75
CA CYS A 23 -2.73 -1.48 2.91
C CYS A 23 -3.95 -1.13 3.76
N SER A 24 -4.55 0.03 3.46
CA SER A 24 -5.72 0.49 4.19
C SER A 24 -6.90 0.70 3.25
N SER A 25 -7.90 -0.16 3.36
CA SER A 25 -9.09 -0.07 2.51
C SER A 25 -9.94 1.13 2.90
N ARG A 26 -9.77 1.61 4.13
CA ARG A 26 -10.53 2.75 4.62
C ARG A 26 -10.41 3.93 3.65
N ASP A 27 -9.19 4.23 3.23
CA ASP A 27 -8.94 5.33 2.31
C ASP A 27 -8.39 4.81 0.98
N LYS A 28 -8.17 3.50 0.90
CA LYS A 28 -7.66 2.89 -0.31
C LYS A 28 -6.30 3.47 -0.68
N TRP A 29 -5.37 3.46 0.27
CA TRP A 29 -4.04 3.99 0.03
C TRP A 29 -2.98 3.07 0.63
N CYS A 30 -1.73 3.51 0.57
CA CYS A 30 -0.62 2.72 1.11
C CYS A 30 -0.26 3.17 2.52
N LYS A 31 0.47 2.33 3.25
CA LYS A 31 0.87 2.64 4.61
C LYS A 31 2.33 2.24 4.85
N VAL A 32 3.00 2.99 5.72
CA VAL A 32 4.40 2.71 6.03
C VAL A 32 4.61 2.67 7.55
N LEU A 33 5.32 1.63 8.00
CA LEU A 33 5.59 1.46 9.42
C LEU A 33 6.48 2.60 9.94
N LEU A 34 6.26 2.98 11.19
CA LEU A 34 7.04 4.06 11.81
C LEU A 34 7.84 3.53 13.00
N ALA A 1 9.48 -5.29 -12.32
CA ALA A 1 8.35 -4.37 -12.32
C ALA A 1 8.37 -3.49 -11.07
N GLU A 2 7.90 -2.26 -11.23
CA GLU A 2 7.86 -1.31 -10.12
C GLU A 2 6.79 -1.71 -9.11
N CYS A 3 6.89 -1.16 -7.90
CA CYS A 3 5.93 -1.45 -6.84
C CYS A 3 5.31 -0.16 -6.29
N LYS A 4 4.16 -0.28 -5.65
CA LYS A 4 3.48 0.86 -5.07
C LYS A 4 4.39 1.61 -4.10
N GLY A 5 3.91 2.75 -3.60
CA GLY A 5 4.71 3.54 -2.67
C GLY A 5 4.03 3.69 -1.33
N PHE A 6 3.93 4.92 -0.84
CA PHE A 6 3.31 5.19 0.44
C PHE A 6 2.02 5.98 0.26
N TRP A 7 1.99 6.84 -0.74
CA TRP A 7 0.82 7.67 -1.01
C TRP A 7 0.07 7.14 -2.24
N LYS A 8 0.54 6.03 -2.79
CA LYS A 8 -0.08 5.44 -3.96
C LYS A 8 -1.46 4.88 -3.63
N SER A 9 -2.16 4.40 -4.65
CA SER A 9 -3.50 3.84 -4.45
C SER A 9 -3.49 2.33 -4.62
N CYS A 10 -3.86 1.61 -3.57
CA CYS A 10 -3.90 0.16 -3.60
C CYS A 10 -5.22 -0.37 -3.06
N VAL A 11 -5.50 -1.65 -3.31
CA VAL A 11 -6.73 -2.27 -2.84
C VAL A 11 -6.44 -3.31 -1.77
N PRO A 12 -7.44 -3.58 -0.92
CA PRO A 12 -7.33 -4.56 0.16
C PRO A 12 -7.24 -5.99 -0.35
N GLY A 13 -6.23 -6.73 0.09
CA GLY A 13 -6.06 -8.10 -0.34
C GLY A 13 -4.95 -8.25 -1.35
N LYS A 14 -4.57 -7.15 -2.00
CA LYS A 14 -3.52 -7.17 -3.00
C LYS A 14 -2.17 -6.87 -2.37
N ASN A 15 -2.10 -5.77 -1.64
CA ASN A 15 -0.86 -5.36 -0.97
C ASN A 15 0.23 -5.07 -2.01
N GLU A 16 -0.11 -4.29 -3.02
CA GLU A 16 0.84 -3.94 -4.07
C GLU A 16 2.04 -3.19 -3.49
N CYS A 17 1.82 -2.53 -2.34
CA CYS A 17 2.87 -1.77 -1.69
C CYS A 17 4.12 -2.64 -1.50
N CYS A 18 5.28 -1.99 -1.42
CA CYS A 18 6.55 -2.69 -1.23
C CYS A 18 6.57 -3.40 0.12
N SER A 19 7.48 -4.37 0.26
CA SER A 19 7.61 -5.12 1.49
C SER A 19 7.77 -4.19 2.69
N GLY A 20 7.00 -4.45 3.73
CA GLY A 20 7.06 -3.64 4.93
C GLY A 20 5.92 -2.64 5.01
N TYR A 21 5.28 -2.38 3.88
CA TYR A 21 4.16 -1.45 3.82
C TYR A 21 2.83 -2.18 3.93
N ALA A 22 1.85 -1.52 4.54
CA ALA A 22 0.53 -2.11 4.70
C ALA A 22 -0.49 -1.41 3.81
N CYS A 23 -1.67 -2.03 3.66
CA CYS A 23 -2.73 -1.46 2.84
C CYS A 23 -3.95 -1.13 3.69
N SER A 24 -4.54 0.04 3.44
CA SER A 24 -5.72 0.47 4.18
C SER A 24 -6.90 0.68 3.24
N SER A 25 -7.91 -0.19 3.37
CA SER A 25 -9.10 -0.10 2.53
C SER A 25 -9.94 1.11 2.92
N ARG A 26 -9.77 1.58 4.15
CA ARG A 26 -10.52 2.72 4.64
C ARG A 26 -10.41 3.90 3.68
N ASP A 27 -9.20 4.20 3.25
CA ASP A 27 -8.97 5.30 2.33
C ASP A 27 -8.42 4.79 0.99
N LYS A 28 -8.22 3.47 0.91
CA LYS A 28 -7.70 2.86 -0.30
C LYS A 28 -6.34 3.44 -0.68
N TRP A 29 -5.42 3.42 0.27
CA TRP A 29 -4.08 3.96 0.04
C TRP A 29 -3.01 3.04 0.64
N CYS A 30 -1.76 3.47 0.58
CA CYS A 30 -0.66 2.69 1.12
C CYS A 30 -0.32 3.14 2.54
N LYS A 31 0.48 2.32 3.23
CA LYS A 31 0.88 2.64 4.60
C LYS A 31 2.33 2.23 4.85
N VAL A 32 3.00 2.97 5.72
CA VAL A 32 4.39 2.69 6.05
C VAL A 32 4.61 2.62 7.56
N LEU A 33 5.30 1.58 8.00
CA LEU A 33 5.57 1.40 9.43
C LEU A 33 6.44 2.53 9.96
N LEU A 34 6.21 2.90 11.22
CA LEU A 34 6.97 3.97 11.85
C LEU A 34 8.13 3.40 12.68
N ALA A 1 9.27 -2.96 -14.44
CA ALA A 1 8.65 -3.45 -13.22
C ALA A 1 8.79 -2.45 -12.09
N GLU A 2 7.73 -2.30 -11.29
CA GLU A 2 7.74 -1.36 -10.18
C GLU A 2 6.70 -1.75 -9.13
N CYS A 3 6.83 -1.18 -7.93
CA CYS A 3 5.90 -1.47 -6.85
C CYS A 3 5.29 -0.19 -6.30
N LYS A 4 4.13 -0.31 -5.66
CA LYS A 4 3.45 0.84 -5.08
C LYS A 4 4.37 1.59 -4.12
N GLY A 5 3.89 2.73 -3.63
CA GLY A 5 4.68 3.53 -2.70
C GLY A 5 4.01 3.67 -1.35
N PHE A 6 3.92 4.90 -0.86
CA PHE A 6 3.31 5.16 0.43
C PHE A 6 2.00 5.94 0.27
N TRP A 7 1.98 6.82 -0.73
CA TRP A 7 0.78 7.63 -0.99
C TRP A 7 -0.01 7.06 -2.16
N LYS A 8 0.57 6.08 -2.85
CA LYS A 8 -0.09 5.44 -3.98
C LYS A 8 -1.45 4.88 -3.58
N SER A 9 -2.20 4.41 -4.57
CA SER A 9 -3.53 3.85 -4.32
C SER A 9 -3.51 2.34 -4.52
N CYS A 10 -3.81 1.60 -3.46
CA CYS A 10 -3.83 0.14 -3.51
C CYS A 10 -5.15 -0.40 -2.97
N VAL A 11 -5.46 -1.64 -3.32
CA VAL A 11 -6.69 -2.28 -2.87
C VAL A 11 -6.41 -3.33 -1.80
N PRO A 12 -7.42 -3.60 -0.97
CA PRO A 12 -7.31 -4.59 0.12
C PRO A 12 -7.23 -6.02 -0.41
N GLY A 13 -6.20 -6.75 0.02
CA GLY A 13 -6.03 -8.12 -0.42
C GLY A 13 -4.92 -8.26 -1.44
N LYS A 14 -4.54 -7.16 -2.07
CA LYS A 14 -3.49 -7.17 -3.07
C LYS A 14 -2.14 -6.86 -2.45
N ASN A 15 -2.09 -5.79 -1.65
CA ASN A 15 -0.86 -5.40 -0.98
C ASN A 15 0.25 -5.12 -2.00
N GLU A 16 -0.09 -4.35 -3.04
CA GLU A 16 0.87 -4.02 -4.08
C GLU A 16 2.06 -3.25 -3.50
N CYS A 17 1.84 -2.58 -2.38
CA CYS A 17 2.88 -1.81 -1.72
C CYS A 17 4.13 -2.66 -1.51
N CYS A 18 5.29 -2.00 -1.44
CA CYS A 18 6.55 -2.70 -1.24
C CYS A 18 6.57 -3.40 0.12
N SER A 19 7.47 -4.38 0.25
CA SER A 19 7.59 -5.12 1.51
C SER A 19 7.75 -4.19 2.69
N GLY A 20 6.99 -4.43 3.75
CA GLY A 20 7.07 -3.59 4.93
C GLY A 20 5.92 -2.60 5.02
N TYR A 21 5.26 -2.35 3.89
CA TYR A 21 4.15 -1.42 3.84
C TYR A 21 2.82 -2.15 3.98
N ALA A 22 1.84 -1.48 4.57
CA ALA A 22 0.52 -2.05 4.75
C ALA A 22 -0.51 -1.38 3.85
N CYS A 23 -1.68 -2.01 3.72
CA CYS A 23 -2.75 -1.47 2.89
C CYS A 23 -3.97 -1.12 3.74
N SER A 24 -4.55 0.04 3.45
CA SER A 24 -5.74 0.50 4.19
C SER A 24 -6.92 0.71 3.25
N SER A 25 -7.92 -0.16 3.37
CA SER A 25 -9.11 -0.07 2.53
C SER A 25 -9.95 1.14 2.91
N ARG A 26 -9.78 1.61 4.14
CA ARG A 26 -10.53 2.76 4.63
C ARG A 26 -10.42 3.93 3.66
N ASP A 27 -9.20 4.23 3.24
CA ASP A 27 -8.96 5.33 2.31
C ASP A 27 -8.41 4.81 0.99
N LYS A 28 -8.20 3.50 0.90
CA LYS A 28 -7.68 2.88 -0.31
C LYS A 28 -6.32 3.47 -0.68
N TRP A 29 -5.41 3.45 0.27
CA TRP A 29 -4.06 3.98 0.03
C TRP A 29 -3.00 3.07 0.64
N CYS A 30 -1.74 3.49 0.58
CA CYS A 30 -0.64 2.71 1.11
C CYS A 30 -0.30 3.15 2.54
N LYS A 31 0.46 2.33 3.24
CA LYS A 31 0.86 2.63 4.61
C LYS A 31 2.31 2.24 4.85
N VAL A 32 2.99 2.98 5.73
CA VAL A 32 4.39 2.71 6.05
C VAL A 32 4.60 2.66 7.56
N LEU A 33 5.29 1.62 8.01
CA LEU A 33 5.57 1.45 9.44
C LEU A 33 6.72 2.35 9.88
N LEU A 34 6.65 2.83 11.11
CA LEU A 34 7.68 3.70 11.66
C LEU A 34 8.90 2.89 12.09
N ALA A 1 8.67 -4.21 -13.19
CA ALA A 1 9.38 -4.49 -11.96
C ALA A 1 9.27 -3.32 -10.98
N GLU A 2 8.06 -2.76 -10.87
CA GLU A 2 7.82 -1.64 -9.97
C GLU A 2 6.65 -1.94 -9.02
N CYS A 3 6.73 -1.41 -7.81
CA CYS A 3 5.69 -1.61 -6.82
C CYS A 3 5.14 -0.29 -6.32
N LYS A 4 4.00 -0.33 -5.64
CA LYS A 4 3.37 0.88 -5.12
C LYS A 4 4.31 1.60 -4.16
N GLY A 5 3.89 2.78 -3.71
CA GLY A 5 4.71 3.55 -2.80
C GLY A 5 4.07 3.70 -1.42
N PHE A 6 3.94 4.93 -0.95
CA PHE A 6 3.34 5.19 0.35
C PHE A 6 2.05 5.97 0.21
N TRP A 7 2.01 6.87 -0.77
CA TRP A 7 0.83 7.70 -1.01
C TRP A 7 0.01 7.16 -2.18
N LYS A 8 0.57 6.15 -2.86
CA LYS A 8 -0.11 5.54 -3.99
C LYS A 8 -1.47 4.98 -3.59
N SER A 9 -2.24 4.53 -4.57
CA SER A 9 -3.57 3.97 -4.31
C SER A 9 -3.57 2.46 -4.54
N CYS A 10 -3.84 1.71 -3.48
CA CYS A 10 -3.88 0.26 -3.56
C CYS A 10 -5.20 -0.28 -3.03
N VAL A 11 -5.47 -1.55 -3.30
CA VAL A 11 -6.70 -2.19 -2.85
C VAL A 11 -6.39 -3.29 -1.83
N PRO A 12 -7.39 -3.60 -0.98
CA PRO A 12 -7.27 -4.62 0.05
C PRO A 12 -7.20 -6.04 -0.54
N GLY A 13 -6.25 -6.83 -0.05
CA GLY A 13 -6.10 -8.19 -0.53
C GLY A 13 -5.00 -8.31 -1.57
N LYS A 14 -4.68 -7.20 -2.24
CA LYS A 14 -3.65 -7.19 -3.26
C LYS A 14 -2.27 -6.98 -2.63
N ASN A 15 -2.17 -5.95 -1.79
CA ASN A 15 -0.91 -5.64 -1.13
C ASN A 15 0.18 -5.28 -2.14
N GLU A 16 -0.18 -4.42 -3.09
CA GLU A 16 0.75 -3.99 -4.13
C GLU A 16 1.93 -3.24 -3.51
N CYS A 17 1.69 -2.63 -2.35
CA CYS A 17 2.73 -1.88 -1.66
C CYS A 17 4.00 -2.71 -1.51
N CYS A 18 5.12 -2.04 -1.30
CA CYS A 18 6.40 -2.72 -1.13
C CYS A 18 6.49 -3.40 0.23
N SER A 19 7.44 -4.31 0.38
CA SER A 19 7.63 -5.03 1.64
C SER A 19 7.77 -4.06 2.80
N GLY A 20 7.09 -4.36 3.90
CA GLY A 20 7.15 -3.50 5.08
C GLY A 20 6.00 -2.52 5.14
N TYR A 21 5.37 -2.28 4.00
CA TYR A 21 4.24 -1.36 3.94
C TYR A 21 2.91 -2.10 4.02
N ALA A 22 1.91 -1.45 4.62
CA ALA A 22 0.60 -2.05 4.78
C ALA A 22 -0.42 -1.36 3.88
N CYS A 23 -1.58 -1.99 3.72
CA CYS A 23 -2.64 -1.44 2.88
C CYS A 23 -3.88 -1.11 3.72
N SER A 24 -4.47 0.05 3.47
CA SER A 24 -5.65 0.49 4.21
C SER A 24 -6.84 0.67 3.26
N SER A 25 -7.84 -0.20 3.39
CA SER A 25 -9.02 -0.15 2.55
C SER A 25 -9.88 1.06 2.92
N ARG A 26 -9.72 1.55 4.14
CA ARG A 26 -10.48 2.69 4.62
C ARG A 26 -10.38 3.86 3.64
N ASP A 27 -9.16 4.17 3.21
CA ASP A 27 -8.93 5.26 2.27
C ASP A 27 -8.36 4.72 0.95
N LYS A 28 -8.15 3.42 0.89
CA LYS A 28 -7.62 2.79 -0.31
C LYS A 28 -6.26 3.38 -0.68
N TRP A 29 -5.35 3.39 0.28
CA TRP A 29 -4.01 3.92 0.05
C TRP A 29 -2.95 3.03 0.68
N CYS A 30 -1.69 3.47 0.63
CA CYS A 30 -0.58 2.70 1.18
C CYS A 30 -0.27 3.16 2.60
N LYS A 31 0.54 2.37 3.30
CA LYS A 31 0.92 2.70 4.67
C LYS A 31 2.37 2.31 4.95
N VAL A 32 3.02 3.07 5.82
CA VAL A 32 4.42 2.80 6.16
C VAL A 32 4.61 2.77 7.68
N LEU A 33 5.34 1.76 8.14
CA LEU A 33 5.61 1.61 9.57
C LEU A 33 6.62 2.65 10.05
N LEU A 34 6.30 3.33 11.15
CA LEU A 34 7.19 4.34 11.70
C LEU A 34 8.35 3.69 12.46
N ALA A 1 6.58 -4.25 -13.01
CA ALA A 1 7.90 -4.34 -12.37
C ALA A 1 7.95 -3.48 -11.11
N GLU A 2 7.68 -2.19 -11.28
CA GLU A 2 7.70 -1.26 -10.15
C GLU A 2 6.63 -1.61 -9.13
N CYS A 3 6.85 -1.21 -7.88
CA CYS A 3 5.90 -1.48 -6.82
C CYS A 3 5.32 -0.18 -6.25
N LYS A 4 4.16 -0.28 -5.63
CA LYS A 4 3.50 0.88 -5.04
C LYS A 4 4.43 1.60 -4.07
N GLY A 5 3.99 2.75 -3.57
CA GLY A 5 4.80 3.51 -2.64
C GLY A 5 4.12 3.68 -1.28
N PHE A 6 3.92 4.92 -0.87
CA PHE A 6 3.29 5.20 0.41
C PHE A 6 1.98 5.98 0.22
N TRP A 7 2.01 6.92 -0.72
CA TRP A 7 0.84 7.74 -1.00
C TRP A 7 0.08 7.22 -2.22
N LYS A 8 0.56 6.11 -2.77
CA LYS A 8 -0.06 5.51 -3.94
C LYS A 8 -1.44 4.93 -3.58
N SER A 9 -2.14 4.42 -4.60
CA SER A 9 -3.46 3.85 -4.39
C SER A 9 -3.43 2.34 -4.56
N CYS A 10 -3.90 1.62 -3.54
CA CYS A 10 -3.92 0.16 -3.58
C CYS A 10 -5.23 -0.38 -3.01
N VAL A 11 -5.51 -1.64 -3.28
CA VAL A 11 -6.73 -2.28 -2.80
C VAL A 11 -6.42 -3.33 -1.75
N PRO A 12 -7.41 -3.61 -0.88
CA PRO A 12 -7.27 -4.60 0.19
C PRO A 12 -7.21 -6.03 -0.35
N GLY A 13 -6.15 -6.74 0.03
CA GLY A 13 -5.98 -8.11 -0.41
C GLY A 13 -4.84 -8.26 -1.40
N LYS A 14 -4.57 -7.20 -2.14
CA LYS A 14 -3.49 -7.22 -3.13
C LYS A 14 -2.15 -6.88 -2.49
N ASN A 15 -2.12 -5.79 -1.73
CA ASN A 15 -0.90 -5.36 -1.07
C ASN A 15 0.22 -5.12 -2.07
N GLU A 16 -0.07 -4.34 -3.11
CA GLU A 16 0.90 -4.03 -4.14
C GLU A 16 2.10 -3.29 -3.55
N CYS A 17 1.87 -2.61 -2.43
CA CYS A 17 2.93 -1.85 -1.77
C CYS A 17 4.16 -2.72 -1.53
N CYS A 18 5.32 -2.08 -1.47
CA CYS A 18 6.57 -2.79 -1.25
C CYS A 18 6.58 -3.47 0.11
N SER A 19 7.47 -4.44 0.28
CA SER A 19 7.58 -5.17 1.55
C SER A 19 7.75 -4.21 2.72
N GLY A 20 6.97 -4.43 3.77
CA GLY A 20 7.04 -3.57 4.93
C GLY A 20 5.90 -2.58 5.01
N TYR A 21 5.26 -2.35 3.87
CA TYR A 21 4.14 -1.41 3.81
C TYR A 21 2.81 -2.15 3.92
N ALA A 22 1.82 -1.49 4.53
CA ALA A 22 0.51 -2.07 4.70
C ALA A 22 -0.52 -1.37 3.82
N CYS A 23 -1.69 -1.99 3.68
CA CYS A 23 -2.76 -1.44 2.87
C CYS A 23 -3.98 -1.09 3.72
N SER A 24 -4.56 0.08 3.48
CA SER A 24 -5.73 0.52 4.22
C SER A 24 -6.93 0.71 3.30
N SER A 25 -7.93 -0.15 3.45
CA SER A 25 -9.13 -0.08 2.63
C SER A 25 -9.97 1.13 3.00
N ARG A 26 -9.78 1.62 4.22
CA ARG A 26 -10.53 2.77 4.71
C ARG A 26 -10.44 3.94 3.73
N ASP A 27 -9.22 4.23 3.29
CA ASP A 27 -9.00 5.32 2.34
C ASP A 27 -8.47 4.79 1.01
N LYS A 28 -8.26 3.47 0.94
CA LYS A 28 -7.76 2.83 -0.26
C LYS A 28 -6.41 3.41 -0.66
N TRP A 29 -5.47 3.41 0.28
CA TRP A 29 -4.13 3.93 0.03
C TRP A 29 -3.07 3.02 0.64
N CYS A 30 -1.81 3.46 0.56
CA CYS A 30 -0.70 2.68 1.11
C CYS A 30 -0.36 3.14 2.52
N LYS A 31 0.46 2.34 3.21
CA LYS A 31 0.86 2.67 4.57
C LYS A 31 2.32 2.28 4.81
N VAL A 32 3.00 3.02 5.67
CA VAL A 32 4.39 2.75 6.00
C VAL A 32 4.61 2.70 7.50
N LEU A 33 5.31 1.67 7.96
CA LEU A 33 5.59 1.50 9.38
C LEU A 33 6.55 2.60 9.88
N LEU A 34 6.26 3.14 11.06
CA LEU A 34 7.08 4.18 11.65
C LEU A 34 8.08 3.59 12.63
N ALA A 1 9.81 -4.80 -12.80
CA ALA A 1 8.48 -4.40 -12.37
C ALA A 1 8.55 -3.47 -11.17
N GLU A 2 7.78 -2.39 -11.21
CA GLU A 2 7.76 -1.43 -10.12
C GLU A 2 6.69 -1.79 -9.09
N CYS A 3 6.80 -1.21 -7.90
CA CYS A 3 5.85 -1.47 -6.82
C CYS A 3 5.27 -0.17 -6.28
N LYS A 4 4.10 -0.27 -5.66
CA LYS A 4 3.44 0.91 -5.09
C LYS A 4 4.37 1.63 -4.12
N GLY A 5 3.92 2.79 -3.63
CA GLY A 5 4.72 3.55 -2.70
C GLY A 5 4.05 3.70 -1.35
N PHE A 6 3.93 4.94 -0.87
CA PHE A 6 3.31 5.21 0.41
C PHE A 6 2.01 6.01 0.24
N TRP A 7 2.00 6.89 -0.75
CA TRP A 7 0.83 7.71 -1.03
C TRP A 7 0.08 7.20 -2.25
N LYS A 8 0.56 6.09 -2.82
CA LYS A 8 -0.06 5.50 -3.99
C LYS A 8 -1.45 4.95 -3.65
N SER A 9 -2.14 4.45 -4.67
CA SER A 9 -3.48 3.89 -4.48
C SER A 9 -3.45 2.37 -4.64
N CYS A 10 -3.86 1.66 -3.59
CA CYS A 10 -3.89 0.20 -3.61
C CYS A 10 -5.21 -0.32 -3.05
N VAL A 11 -5.46 -1.61 -3.25
CA VAL A 11 -6.68 -2.24 -2.77
C VAL A 11 -6.37 -3.32 -1.72
N PRO A 12 -7.36 -3.61 -0.87
CA PRO A 12 -7.22 -4.62 0.19
C PRO A 12 -7.15 -6.04 -0.38
N GLY A 13 -6.18 -6.81 0.09
CA GLY A 13 -6.03 -8.17 -0.37
C GLY A 13 -4.90 -8.32 -1.38
N LYS A 14 -4.63 -7.26 -2.13
CA LYS A 14 -3.58 -7.28 -3.13
C LYS A 14 -2.22 -6.97 -2.49
N ASN A 15 -2.14 -5.86 -1.76
CA ASN A 15 -0.91 -5.46 -1.09
C ASN A 15 0.20 -5.22 -2.11
N GLU A 16 -0.10 -4.40 -3.11
CA GLU A 16 0.88 -4.08 -4.16
C GLU A 16 2.07 -3.31 -3.57
N CYS A 17 1.84 -2.64 -2.45
CA CYS A 17 2.88 -1.86 -1.79
C CYS A 17 4.12 -2.72 -1.57
N CYS A 18 5.27 -2.05 -1.44
CA CYS A 18 6.53 -2.75 -1.22
C CYS A 18 6.56 -3.43 0.15
N SER A 19 7.46 -4.38 0.31
CA SER A 19 7.58 -5.12 1.57
C SER A 19 7.73 -4.15 2.74
N GLY A 20 6.99 -4.41 3.81
CA GLY A 20 7.06 -3.55 4.99
C GLY A 20 5.91 -2.57 5.06
N TYR A 21 5.28 -2.33 3.91
CA TYR A 21 4.16 -1.39 3.85
C TYR A 21 2.82 -2.14 3.93
N ALA A 22 1.84 -1.50 4.56
CA ALA A 22 0.51 -2.10 4.70
C ALA A 22 -0.52 -1.38 3.82
N CYS A 23 -1.67 -2.01 3.65
CA CYS A 23 -2.73 -1.44 2.83
C CYS A 23 -3.97 -1.13 3.68
N SER A 24 -4.55 0.05 3.47
CA SER A 24 -5.73 0.45 4.22
C SER A 24 -6.93 0.67 3.28
N SER A 25 -7.93 -0.18 3.41
CA SER A 25 -9.12 -0.09 2.57
C SER A 25 -9.96 1.12 2.96
N ARG A 26 -9.78 1.59 4.19
CA ARG A 26 -10.52 2.74 4.68
C ARG A 26 -10.41 3.92 3.72
N ASP A 27 -9.19 4.21 3.28
CA ASP A 27 -8.94 5.31 2.36
C ASP A 27 -8.41 4.80 1.03
N LYS A 28 -8.20 3.49 0.96
CA LYS A 28 -7.68 2.86 -0.26
C LYS A 28 -6.32 3.45 -0.64
N TRP A 29 -5.39 3.45 0.31
CA TRP A 29 -4.06 3.98 0.06
C TRP A 29 -3.00 3.07 0.67
N CYS A 30 -1.74 3.50 0.61
CA CYS A 30 -0.63 2.74 1.14
C CYS A 30 -0.30 3.18 2.57
N LYS A 31 0.47 2.36 3.28
CA LYS A 31 0.86 2.66 4.65
C LYS A 31 2.31 2.26 4.90
N VAL A 32 2.97 3.00 5.79
CA VAL A 32 4.36 2.72 6.13
C VAL A 32 4.56 2.66 7.63
N LEU A 33 5.24 1.62 8.10
CA LEU A 33 5.51 1.44 9.52
C LEU A 33 6.55 2.44 10.01
N LEU A 34 6.29 3.04 11.16
CA LEU A 34 7.21 4.02 11.75
C LEU A 34 7.97 3.41 12.92
N ALA A 1 6.78 -3.59 -14.23
CA ALA A 1 6.62 -2.27 -13.63
C ALA A 1 7.08 -2.28 -12.18
N GLU A 2 7.16 -1.09 -11.58
CA GLU A 2 7.58 -0.96 -10.19
C GLU A 2 6.42 -1.25 -9.23
N CYS A 3 6.72 -1.27 -7.94
CA CYS A 3 5.71 -1.54 -6.93
C CYS A 3 5.15 -0.23 -6.37
N LYS A 4 4.02 -0.33 -5.68
CA LYS A 4 3.38 0.84 -5.08
C LYS A 4 4.32 1.55 -4.10
N GLY A 5 3.90 2.69 -3.60
CA GLY A 5 4.71 3.43 -2.66
C GLY A 5 4.04 3.60 -1.31
N PHE A 6 3.95 4.83 -0.84
CA PHE A 6 3.33 5.12 0.45
C PHE A 6 2.05 5.94 0.27
N TRP A 7 2.06 6.85 -0.69
CA TRP A 7 0.91 7.69 -0.97
C TRP A 7 0.13 7.18 -2.18
N LYS A 8 0.58 6.06 -2.73
CA LYS A 8 -0.06 5.47 -3.89
C LYS A 8 -1.43 4.91 -3.53
N SER A 9 -2.17 4.44 -4.54
CA SER A 9 -3.50 3.88 -4.32
C SER A 9 -3.49 2.37 -4.52
N CYS A 10 -3.83 1.64 -3.45
CA CYS A 10 -3.86 0.18 -3.52
C CYS A 10 -5.17 -0.35 -2.96
N VAL A 11 -5.48 -1.61 -3.26
CA VAL A 11 -6.70 -2.24 -2.79
C VAL A 11 -6.40 -3.31 -1.75
N PRO A 12 -7.39 -3.60 -0.90
CA PRO A 12 -7.25 -4.62 0.16
C PRO A 12 -7.19 -6.03 -0.40
N GLY A 13 -6.17 -6.78 0.00
CA GLY A 13 -6.02 -8.15 -0.47
C GLY A 13 -4.89 -8.30 -1.47
N LYS A 14 -4.60 -7.21 -2.20
CA LYS A 14 -3.54 -7.23 -3.19
C LYS A 14 -2.18 -6.93 -2.54
N ASN A 15 -2.12 -5.84 -1.78
CA ASN A 15 -0.89 -5.45 -1.11
C ASN A 15 0.20 -5.13 -2.12
N GLU A 16 -0.15 -4.35 -3.15
CA GLU A 16 0.80 -3.97 -4.18
C GLU A 16 2.00 -3.23 -3.58
N CYS A 17 1.78 -2.62 -2.42
CA CYS A 17 2.83 -1.88 -1.74
C CYS A 17 4.09 -2.72 -1.59
N CYS A 18 5.23 -2.05 -1.42
CA CYS A 18 6.51 -2.74 -1.27
C CYS A 18 6.60 -3.41 0.09
N SER A 19 7.60 -4.27 0.26
CA SER A 19 7.80 -4.98 1.51
C SER A 19 8.00 -4.00 2.67
N GLY A 20 7.20 -4.17 3.72
CA GLY A 20 7.30 -3.30 4.87
C GLY A 20 6.21 -2.26 4.90
N TYR A 21 5.21 -2.42 4.03
CA TYR A 21 4.11 -1.47 3.95
C TYR A 21 2.77 -2.20 4.05
N ALA A 22 1.78 -1.53 4.64
CA ALA A 22 0.45 -2.10 4.80
C ALA A 22 -0.56 -1.41 3.90
N CYS A 23 -1.73 -2.02 3.74
CA CYS A 23 -2.78 -1.46 2.90
C CYS A 23 -4.01 -1.11 3.74
N SER A 24 -4.58 0.06 3.47
CA SER A 24 -5.76 0.52 4.20
C SER A 24 -6.94 0.72 3.25
N SER A 25 -7.95 -0.14 3.38
CA SER A 25 -9.13 -0.05 2.53
C SER A 25 -9.98 1.16 2.90
N ARG A 26 -9.80 1.65 4.12
CA ARG A 26 -10.55 2.81 4.59
C ARG A 26 -10.43 3.97 3.61
N ASP A 27 -9.20 4.26 3.20
CA ASP A 27 -8.95 5.35 2.25
C ASP A 27 -8.40 4.81 0.94
N LYS A 28 -8.21 3.50 0.87
CA LYS A 28 -7.68 2.86 -0.32
C LYS A 28 -6.32 3.43 -0.70
N TRP A 29 -5.40 3.42 0.27
CA TRP A 29 -4.05 3.93 0.04
C TRP A 29 -3.01 3.02 0.66
N CYS A 30 -1.75 3.44 0.62
CA CYS A 30 -0.66 2.66 1.18
C CYS A 30 -0.34 3.11 2.60
N LYS A 31 0.45 2.31 3.31
CA LYS A 31 0.84 2.62 4.68
C LYS A 31 2.29 2.22 4.94
N VAL A 32 2.95 2.97 5.83
CA VAL A 32 4.34 2.69 6.17
C VAL A 32 4.53 2.65 7.67
N LEU A 33 5.21 1.61 8.16
CA LEU A 33 5.46 1.47 9.59
C LEU A 33 6.87 1.94 9.95
N LEU A 34 7.01 2.53 11.13
CA LEU A 34 8.29 3.03 11.59
C LEU A 34 9.22 1.88 11.96
N ALA A 1 6.47 0.35 -13.96
CA ALA A 1 6.74 -1.07 -13.74
C ALA A 1 7.35 -1.30 -12.36
N GLU A 2 7.04 -0.41 -11.43
CA GLU A 2 7.57 -0.51 -10.07
C GLU A 2 6.44 -0.73 -9.07
N CYS A 3 6.79 -1.23 -7.89
CA CYS A 3 5.81 -1.48 -6.84
C CYS A 3 5.25 -0.17 -6.29
N LYS A 4 4.07 -0.25 -5.67
CA LYS A 4 3.42 0.92 -5.10
C LYS A 4 4.36 1.64 -4.14
N GLY A 5 3.92 2.81 -3.66
CA GLY A 5 4.74 3.57 -2.74
C GLY A 5 4.08 3.72 -1.37
N PHE A 6 3.92 4.95 -0.91
CA PHE A 6 3.31 5.22 0.38
C PHE A 6 2.02 6.01 0.22
N TRP A 7 1.98 6.88 -0.78
CA TRP A 7 0.81 7.70 -1.04
C TRP A 7 0.05 7.19 -2.26
N LYS A 8 0.53 6.10 -2.84
CA LYS A 8 -0.11 5.51 -4.01
C LYS A 8 -1.48 4.95 -3.67
N SER A 9 -2.17 4.45 -4.68
CA SER A 9 -3.51 3.89 -4.49
C SER A 9 -3.49 2.37 -4.63
N CYS A 10 -3.88 1.67 -3.57
CA CYS A 10 -3.90 0.21 -3.57
C CYS A 10 -5.19 -0.30 -2.94
N VAL A 11 -5.50 -1.58 -3.21
CA VAL A 11 -6.71 -2.20 -2.67
C VAL A 11 -6.35 -3.32 -1.69
N PRO A 12 -7.29 -3.62 -0.79
CA PRO A 12 -7.10 -4.67 0.22
C PRO A 12 -7.10 -6.06 -0.38
N GLY A 13 -6.11 -6.87 -0.01
CA GLY A 13 -6.02 -8.22 -0.53
C GLY A 13 -4.92 -8.36 -1.57
N LYS A 14 -4.60 -7.26 -2.24
CA LYS A 14 -3.57 -7.27 -3.27
C LYS A 14 -2.19 -6.99 -2.66
N ASN A 15 -2.13 -6.00 -1.78
CA ASN A 15 -0.88 -5.63 -1.13
C ASN A 15 0.20 -5.30 -2.16
N GLU A 16 -0.14 -4.41 -3.10
CA GLU A 16 0.80 -4.01 -4.14
C GLU A 16 1.98 -3.25 -3.55
N CYS A 17 1.75 -2.61 -2.41
CA CYS A 17 2.79 -1.84 -1.74
C CYS A 17 4.05 -2.68 -1.56
N CYS A 18 5.18 -2.01 -1.36
CA CYS A 18 6.46 -2.69 -1.18
C CYS A 18 6.50 -3.39 0.16
N SER A 19 7.43 -4.34 0.31
CA SER A 19 7.57 -5.09 1.56
C SER A 19 7.74 -4.15 2.75
N GLY A 20 6.97 -4.40 3.80
CA GLY A 20 7.04 -3.56 4.99
C GLY A 20 5.90 -2.58 5.07
N TYR A 21 5.27 -2.31 3.93
CA TYR A 21 4.15 -1.37 3.88
C TYR A 21 2.81 -2.10 3.96
N ALA A 22 1.83 -1.46 4.58
CA ALA A 22 0.51 -2.05 4.72
C ALA A 22 -0.51 -1.33 3.85
N CYS A 23 -1.69 -1.94 3.67
CA CYS A 23 -2.74 -1.35 2.86
C CYS A 23 -3.97 -1.05 3.72
N SER A 24 -4.54 0.13 3.51
CA SER A 24 -5.73 0.54 4.27
C SER A 24 -6.94 0.68 3.34
N SER A 25 -7.89 -0.23 3.51
CA SER A 25 -9.10 -0.23 2.70
C SER A 25 -10.00 0.95 3.07
N ARG A 26 -9.67 1.62 4.17
CA ARG A 26 -10.45 2.76 4.64
C ARG A 26 -10.36 3.92 3.65
N ASP A 27 -9.14 4.23 3.22
CA ASP A 27 -8.92 5.32 2.27
C ASP A 27 -8.37 4.79 0.96
N LYS A 28 -8.14 3.48 0.90
CA LYS A 28 -7.61 2.85 -0.30
C LYS A 28 -6.26 3.44 -0.68
N TRP A 29 -5.33 3.46 0.28
CA TRP A 29 -4.00 3.99 0.05
C TRP A 29 -2.93 3.10 0.67
N CYS A 30 -1.68 3.54 0.61
CA CYS A 30 -0.57 2.78 1.17
C CYS A 30 -0.26 3.24 2.59
N LYS A 31 0.49 2.41 3.31
CA LYS A 31 0.87 2.73 4.69
C LYS A 31 2.31 2.30 4.97
N VAL A 32 2.96 2.99 5.89
CA VAL A 32 4.34 2.68 6.27
C VAL A 32 4.50 2.61 7.78
N LEU A 33 5.14 1.54 8.24
CA LEU A 33 5.36 1.35 9.67
C LEU A 33 6.42 2.32 10.20
N LEU A 34 6.17 2.86 11.38
CA LEU A 34 7.10 3.80 11.99
C LEU A 34 8.35 3.09 12.50
N ALA A 1 8.21 -4.45 -13.53
CA ALA A 1 7.40 -3.29 -13.15
C ALA A 1 7.69 -2.89 -11.71
N GLU A 2 7.52 -1.59 -11.42
CA GLU A 2 7.77 -1.07 -10.08
C GLU A 2 6.57 -1.33 -9.17
N CYS A 3 6.81 -1.30 -7.86
CA CYS A 3 5.76 -1.53 -6.89
C CYS A 3 5.20 -0.21 -6.37
N LYS A 4 4.08 -0.28 -5.67
CA LYS A 4 3.44 0.92 -5.12
C LYS A 4 4.37 1.63 -4.15
N GLY A 5 3.95 2.80 -3.68
CA GLY A 5 4.75 3.57 -2.76
C GLY A 5 4.11 3.71 -1.39
N PHE A 6 3.99 4.93 -0.92
CA PHE A 6 3.39 5.20 0.38
C PHE A 6 2.09 5.99 0.24
N TRP A 7 2.05 6.86 -0.76
CA TRP A 7 0.87 7.69 -1.02
C TRP A 7 0.11 7.19 -2.24
N LYS A 8 0.58 6.09 -2.82
CA LYS A 8 -0.04 5.51 -4.00
C LYS A 8 -1.42 4.94 -3.66
N SER A 9 -2.11 4.44 -4.67
CA SER A 9 -3.45 3.86 -4.48
C SER A 9 -3.41 2.35 -4.64
N CYS A 10 -3.88 1.65 -3.60
CA CYS A 10 -3.90 0.18 -3.62
C CYS A 10 -5.21 -0.35 -3.05
N VAL A 11 -5.51 -1.61 -3.34
CA VAL A 11 -6.74 -2.23 -2.86
C VAL A 11 -6.43 -3.30 -1.81
N PRO A 12 -7.42 -3.58 -0.94
CA PRO A 12 -7.28 -4.58 0.11
C PRO A 12 -7.23 -6.00 -0.44
N GLY A 13 -6.25 -6.78 0.03
CA GLY A 13 -6.10 -8.15 -0.42
C GLY A 13 -4.98 -8.30 -1.42
N LYS A 14 -4.69 -7.25 -2.17
CA LYS A 14 -3.63 -7.27 -3.17
C LYS A 14 -2.28 -6.97 -2.54
N ASN A 15 -2.22 -5.89 -1.75
CA ASN A 15 -0.98 -5.50 -1.09
C ASN A 15 0.10 -5.15 -2.11
N GLU A 16 -0.26 -4.31 -3.08
CA GLU A 16 0.67 -3.90 -4.11
C GLU A 16 1.86 -3.15 -3.50
N CYS A 17 1.64 -2.55 -2.34
CA CYS A 17 2.69 -1.81 -1.65
C CYS A 17 3.95 -2.65 -1.52
N CYS A 18 5.09 -1.97 -1.32
CA CYS A 18 6.37 -2.66 -1.17
C CYS A 18 6.46 -3.37 0.17
N SER A 19 7.46 -4.23 0.33
CA SER A 19 7.66 -4.96 1.57
C SER A 19 7.79 -4.03 2.75
N GLY A 20 7.10 -4.35 3.84
CA GLY A 20 7.14 -3.52 5.03
C GLY A 20 5.99 -2.55 5.11
N TYR A 21 5.35 -2.30 3.97
CA TYR A 21 4.23 -1.37 3.91
C TYR A 21 2.90 -2.13 3.97
N ALA A 22 1.90 -1.50 4.59
CA ALA A 22 0.58 -2.11 4.72
C ALA A 22 -0.44 -1.39 3.84
N CYS A 23 -1.59 -2.02 3.66
CA CYS A 23 -2.66 -1.44 2.84
C CYS A 23 -3.89 -1.15 3.69
N SER A 24 -4.49 0.01 3.47
CA SER A 24 -5.68 0.42 4.21
C SER A 24 -6.86 0.62 3.27
N SER A 25 -7.87 -0.24 3.40
CA SER A 25 -9.05 -0.16 2.55
C SER A 25 -9.90 1.05 2.93
N ARG A 26 -9.73 1.52 4.16
CA ARG A 26 -10.48 2.67 4.65
C ARG A 26 -10.37 3.84 3.69
N ASP A 27 -9.15 4.14 3.26
CA ASP A 27 -8.91 5.24 2.33
C ASP A 27 -8.37 4.72 1.00
N LYS A 28 -8.16 3.41 0.93
CA LYS A 28 -7.63 2.78 -0.28
C LYS A 28 -6.28 3.38 -0.66
N TRP A 29 -5.36 3.39 0.29
CA TRP A 29 -4.02 3.93 0.05
C TRP A 29 -2.95 3.03 0.66
N CYS A 30 -1.70 3.48 0.61
CA CYS A 30 -0.59 2.72 1.17
C CYS A 30 -0.28 3.17 2.59
N LYS A 31 0.50 2.37 3.30
CA LYS A 31 0.87 2.67 4.68
C LYS A 31 2.32 2.28 4.95
N VAL A 32 2.96 3.02 5.85
CA VAL A 32 4.35 2.75 6.20
C VAL A 32 4.54 2.68 7.71
N LEU A 33 5.24 1.65 8.17
CA LEU A 33 5.48 1.47 9.60
C LEU A 33 6.57 2.42 10.09
N LEU A 34 6.34 3.03 11.24
CA LEU A 34 7.31 3.97 11.83
C LEU A 34 8.27 3.24 12.75
N ALA A 1 8.55 -5.33 -12.72
CA ALA A 1 8.01 -3.97 -12.74
C ALA A 1 8.07 -3.33 -11.36
N GLU A 2 7.85 -2.02 -11.31
CA GLU A 2 7.89 -1.29 -10.05
C GLU A 2 6.65 -1.59 -9.21
N CYS A 3 6.74 -1.34 -7.91
CA CYS A 3 5.63 -1.58 -6.99
C CYS A 3 5.08 -0.26 -6.46
N LYS A 4 4.00 -0.35 -5.70
CA LYS A 4 3.37 0.84 -5.12
C LYS A 4 4.32 1.54 -4.15
N GLY A 5 3.90 2.69 -3.65
CA GLY A 5 4.72 3.44 -2.71
C GLY A 5 4.07 3.60 -1.36
N PHE A 6 3.96 4.83 -0.89
CA PHE A 6 3.35 5.12 0.40
C PHE A 6 2.07 5.92 0.23
N TRP A 7 2.08 6.84 -0.72
CA TRP A 7 0.91 7.68 -0.97
C TRP A 7 0.07 7.11 -2.12
N LYS A 8 0.62 6.11 -2.80
CA LYS A 8 -0.07 5.48 -3.92
C LYS A 8 -1.41 4.91 -3.48
N SER A 9 -2.21 4.48 -4.45
CA SER A 9 -3.53 3.92 -4.16
C SER A 9 -3.54 2.41 -4.42
N CYS A 10 -3.77 1.64 -3.36
CA CYS A 10 -3.81 0.18 -3.46
C CYS A 10 -5.12 -0.36 -2.91
N VAL A 11 -5.47 -1.57 -3.34
CA VAL A 11 -6.71 -2.22 -2.90
C VAL A 11 -6.42 -3.31 -1.88
N PRO A 12 -7.42 -3.59 -1.03
CA PRO A 12 -7.30 -4.62 0.01
C PRO A 12 -7.25 -6.03 -0.57
N GLY A 13 -6.32 -6.83 -0.07
CA GLY A 13 -6.17 -8.20 -0.55
C GLY A 13 -5.09 -8.34 -1.60
N LYS A 14 -4.73 -7.22 -2.22
CA LYS A 14 -3.69 -7.22 -3.25
C LYS A 14 -2.31 -6.98 -2.64
N ASN A 15 -2.22 -5.96 -1.79
CA ASN A 15 -0.96 -5.63 -1.13
C ASN A 15 0.09 -5.20 -2.15
N GLU A 16 -0.32 -4.32 -3.07
CA GLU A 16 0.59 -3.84 -4.11
C GLU A 16 1.79 -3.12 -3.49
N CYS A 17 1.59 -2.58 -2.29
CA CYS A 17 2.66 -1.87 -1.59
C CYS A 17 3.93 -2.70 -1.52
N CYS A 18 5.06 -2.04 -1.32
CA CYS A 18 6.34 -2.74 -1.23
C CYS A 18 6.48 -3.46 0.10
N SER A 19 7.65 -4.06 0.32
CA SER A 19 7.90 -4.80 1.56
C SER A 19 8.05 -3.84 2.73
N GLY A 20 7.31 -4.11 3.81
CA GLY A 20 7.37 -3.27 4.98
C GLY A 20 6.28 -2.23 5.01
N TYR A 21 5.30 -2.37 4.11
CA TYR A 21 4.19 -1.44 4.04
C TYR A 21 2.85 -2.16 4.14
N ALA A 22 1.86 -1.49 4.71
CA ALA A 22 0.53 -2.07 4.87
C ALA A 22 -0.48 -1.39 3.94
N CYS A 23 -1.65 -2.02 3.79
CA CYS A 23 -2.69 -1.48 2.94
C CYS A 23 -3.93 -1.12 3.76
N SER A 24 -4.51 0.04 3.47
CA SER A 24 -5.70 0.49 4.19
C SER A 24 -6.86 0.68 3.23
N SER A 25 -7.87 -0.18 3.35
CA SER A 25 -9.04 -0.11 2.49
C SER A 25 -9.90 1.10 2.84
N ARG A 26 -9.74 1.59 4.06
CA ARG A 26 -10.51 2.75 4.53
C ARG A 26 -10.38 3.91 3.54
N ASP A 27 -9.16 4.20 3.12
CA ASP A 27 -8.90 5.28 2.19
C ASP A 27 -8.33 4.75 0.88
N LYS A 28 -8.12 3.44 0.82
CA LYS A 28 -7.59 2.80 -0.38
C LYS A 28 -6.22 3.37 -0.73
N TRP A 29 -5.32 3.38 0.24
CA TRP A 29 -3.97 3.91 0.02
C TRP A 29 -2.92 2.99 0.66
N CYS A 30 -1.67 3.43 0.61
CA CYS A 30 -0.57 2.66 1.18
C CYS A 30 -0.25 3.13 2.60
N LYS A 31 0.51 2.32 3.33
CA LYS A 31 0.88 2.66 4.70
C LYS A 31 2.33 2.25 4.98
N VAL A 32 2.99 3.03 5.82
CA VAL A 32 4.39 2.76 6.18
C VAL A 32 4.57 2.73 7.69
N LEU A 33 5.28 1.71 8.17
CA LEU A 33 5.53 1.57 9.60
C LEU A 33 6.37 2.73 10.13
N LEU A 34 5.74 3.56 10.96
CA LEU A 34 6.43 4.72 11.54
C LEU A 34 7.27 4.30 12.74
N ALA A 1 9.14 -2.62 -13.84
CA ALA A 1 9.99 -2.86 -12.68
C ALA A 1 9.77 -1.78 -11.62
N GLU A 2 8.57 -1.76 -11.05
CA GLU A 2 8.23 -0.78 -10.01
C GLU A 2 7.06 -1.26 -9.17
N CYS A 3 7.05 -0.84 -7.91
CA CYS A 3 5.98 -1.23 -6.99
C CYS A 3 5.37 -0.01 -6.31
N LYS A 4 4.20 -0.18 -5.72
CA LYS A 4 3.52 0.90 -5.03
C LYS A 4 4.42 1.53 -3.98
N GLY A 5 3.95 2.61 -3.37
CA GLY A 5 4.73 3.29 -2.35
C GLY A 5 3.95 3.49 -1.06
N PHE A 6 3.73 4.76 -0.69
CA PHE A 6 2.99 5.08 0.52
C PHE A 6 1.78 5.94 0.20
N TRP A 7 1.94 6.86 -0.74
CA TRP A 7 0.84 7.74 -1.15
C TRP A 7 0.04 7.13 -2.29
N LYS A 8 0.59 6.09 -2.90
CA LYS A 8 -0.08 5.42 -4.01
C LYS A 8 -1.39 4.81 -3.56
N SER A 9 -2.18 4.31 -4.52
CA SER A 9 -3.46 3.71 -4.22
C SER A 9 -3.41 2.19 -4.43
N CYS A 10 -3.75 1.44 -3.39
CA CYS A 10 -3.74 -0.01 -3.47
C CYS A 10 -5.03 -0.59 -2.88
N VAL A 11 -5.52 -1.67 -3.49
CA VAL A 11 -6.74 -2.33 -3.02
C VAL A 11 -6.43 -3.33 -1.92
N PRO A 12 -7.43 -3.59 -1.06
CA PRO A 12 -7.29 -4.54 0.05
C PRO A 12 -7.20 -5.98 -0.43
N GLY A 13 -6.24 -6.73 0.13
CA GLY A 13 -6.07 -8.12 -0.26
C GLY A 13 -4.98 -8.30 -1.30
N LYS A 14 -4.63 -7.21 -1.98
CA LYS A 14 -3.59 -7.26 -3.00
C LYS A 14 -2.22 -6.93 -2.40
N ASN A 15 -2.15 -5.83 -1.67
CA ASN A 15 -0.90 -5.41 -1.03
C ASN A 15 0.16 -5.09 -2.08
N GLU A 16 -0.20 -4.24 -3.04
CA GLU A 16 0.72 -3.87 -4.11
C GLU A 16 1.95 -3.15 -3.54
N CYS A 17 1.78 -2.53 -2.38
CA CYS A 17 2.87 -1.81 -1.73
C CYS A 17 4.10 -2.69 -1.59
N CYS A 18 5.27 -2.06 -1.50
CA CYS A 18 6.52 -2.79 -1.37
C CYS A 18 6.56 -3.57 -0.07
N SER A 19 7.69 -4.23 0.19
CA SER A 19 7.86 -5.03 1.40
C SER A 19 8.03 -4.12 2.62
N GLY A 20 7.14 -4.28 3.60
CA GLY A 20 7.22 -3.47 4.80
C GLY A 20 6.14 -2.41 4.85
N TYR A 21 5.18 -2.50 3.95
CA TYR A 21 4.08 -1.54 3.89
C TYR A 21 2.73 -2.23 4.04
N ALA A 22 1.77 -1.52 4.62
CA ALA A 22 0.44 -2.07 4.82
C ALA A 22 -0.58 -1.39 3.92
N CYS A 23 -1.75 -2.00 3.78
CA CYS A 23 -2.81 -1.47 2.93
C CYS A 23 -4.03 -1.09 3.77
N SER A 24 -4.59 0.08 3.50
CA SER A 24 -5.76 0.56 4.23
C SER A 24 -6.94 0.76 3.28
N SER A 25 -7.96 -0.09 3.41
CA SER A 25 -9.14 0.00 2.57
C SER A 25 -9.98 1.22 2.93
N ARG A 26 -9.80 1.72 4.15
CA ARG A 26 -10.54 2.89 4.62
C ARG A 26 -10.41 4.04 3.63
N ASP A 27 -9.18 4.31 3.20
CA ASP A 27 -8.93 5.39 2.24
C ASP A 27 -8.39 4.84 0.93
N LYS A 28 -8.19 3.52 0.88
CA LYS A 28 -7.69 2.87 -0.32
C LYS A 28 -6.33 3.44 -0.71
N TRP A 29 -5.40 3.43 0.25
CA TRP A 29 -4.05 3.94 -0.01
C TRP A 29 -3.01 3.02 0.61
N CYS A 30 -1.75 3.44 0.54
CA CYS A 30 -0.65 2.65 1.09
C CYS A 30 -0.28 3.13 2.50
N LYS A 31 0.46 2.30 3.22
CA LYS A 31 0.87 2.64 4.58
C LYS A 31 2.32 2.21 4.83
N VAL A 32 3.02 2.95 5.68
CA VAL A 32 4.40 2.65 6.01
C VAL A 32 4.62 2.61 7.51
N LEU A 33 5.29 1.57 7.98
CA LEU A 33 5.56 1.41 9.41
C LEU A 33 6.59 2.44 9.87
N LEU A 34 6.14 3.37 10.72
CA LEU A 34 7.02 4.41 11.24
C LEU A 34 7.82 3.89 12.43
N ALA A 1 8.93 -4.19 -12.95
CA ALA A 1 9.49 -4.48 -11.64
C ALA A 1 9.26 -3.32 -10.68
N GLU A 2 8.18 -2.58 -10.90
CA GLU A 2 7.86 -1.44 -10.04
C GLU A 2 6.68 -1.76 -9.13
N CYS A 3 6.75 -1.29 -7.89
CA CYS A 3 5.69 -1.53 -6.92
C CYS A 3 5.15 -0.21 -6.36
N LYS A 4 4.03 -0.29 -5.66
CA LYS A 4 3.41 0.89 -5.08
C LYS A 4 4.36 1.58 -4.11
N GLY A 5 3.96 2.74 -3.60
CA GLY A 5 4.78 3.49 -2.67
C GLY A 5 4.13 3.62 -1.30
N PHE A 6 3.94 4.87 -0.87
CA PHE A 6 3.33 5.14 0.43
C PHE A 6 2.04 5.94 0.25
N TRP A 7 2.02 6.82 -0.74
CA TRP A 7 0.85 7.65 -1.01
C TRP A 7 0.05 7.10 -2.18
N LYS A 8 0.62 6.12 -2.87
CA LYS A 8 -0.04 5.49 -4.01
C LYS A 8 -1.40 4.94 -3.62
N SER A 9 -2.15 4.45 -4.60
CA SER A 9 -3.47 3.89 -4.35
C SER A 9 -3.46 2.38 -4.55
N CYS A 10 -3.85 1.65 -3.51
CA CYS A 10 -3.88 0.19 -3.56
C CYS A 10 -5.21 -0.33 -3.01
N VAL A 11 -5.48 -1.61 -3.29
CA VAL A 11 -6.71 -2.23 -2.82
C VAL A 11 -6.42 -3.34 -1.80
N PRO A 12 -7.41 -3.64 -0.95
CA PRO A 12 -7.28 -4.67 0.08
C PRO A 12 -7.22 -6.07 -0.51
N GLY A 13 -6.33 -6.91 0.03
CA GLY A 13 -6.19 -8.27 -0.46
C GLY A 13 -5.10 -8.39 -1.50
N LYS A 14 -4.72 -7.28 -2.11
CA LYS A 14 -3.69 -7.27 -3.14
C LYS A 14 -2.32 -7.00 -2.53
N ASN A 15 -2.23 -5.92 -1.76
CA ASN A 15 -0.97 -5.55 -1.11
C ASN A 15 0.11 -5.23 -2.15
N GLU A 16 -0.22 -4.31 -3.06
CA GLU A 16 0.71 -3.92 -4.11
C GLU A 16 1.92 -3.17 -3.52
N CYS A 17 1.71 -2.58 -2.35
CA CYS A 17 2.77 -1.84 -1.67
C CYS A 17 4.04 -2.68 -1.55
N CYS A 18 5.18 -2.02 -1.39
CA CYS A 18 6.45 -2.71 -1.27
C CYS A 18 6.56 -3.40 0.09
N SER A 19 7.62 -4.19 0.26
CA SER A 19 7.84 -4.92 1.51
C SER A 19 8.03 -3.95 2.66
N GLY A 20 7.22 -4.12 3.71
CA GLY A 20 7.31 -3.25 4.87
C GLY A 20 6.21 -2.21 4.90
N TYR A 21 5.22 -2.37 4.03
CA TYR A 21 4.10 -1.42 3.96
C TYR A 21 2.77 -2.17 4.04
N ALA A 22 1.78 -1.51 4.64
CA ALA A 22 0.45 -2.09 4.78
C ALA A 22 -0.56 -1.38 3.90
N CYS A 23 -1.73 -2.00 3.72
CA CYS A 23 -2.78 -1.42 2.89
C CYS A 23 -4.00 -1.10 3.73
N SER A 24 -4.58 0.08 3.49
CA SER A 24 -5.77 0.52 4.22
C SER A 24 -6.97 0.66 3.29
N SER A 25 -7.94 -0.24 3.45
CA SER A 25 -9.13 -0.22 2.61
C SER A 25 -10.02 0.96 2.98
N ARG A 26 -9.70 1.63 4.08
CA ARG A 26 -10.46 2.78 4.54
C ARG A 26 -10.35 3.94 3.55
N ASP A 27 -9.13 4.24 3.14
CA ASP A 27 -8.88 5.32 2.20
C ASP A 27 -8.31 4.79 0.89
N LYS A 28 -8.09 3.48 0.83
CA LYS A 28 -7.54 2.84 -0.35
C LYS A 28 -6.18 3.43 -0.71
N TRP A 29 -5.28 3.43 0.26
CA TRP A 29 -3.93 3.97 0.05
C TRP A 29 -2.88 3.05 0.67
N CYS A 30 -1.62 3.49 0.63
CA CYS A 30 -0.53 2.72 1.20
C CYS A 30 -0.21 3.18 2.62
N LYS A 31 0.50 2.33 3.37
CA LYS A 31 0.86 2.65 4.73
C LYS A 31 2.31 2.23 5.02
N VAL A 32 2.95 2.95 5.93
CA VAL A 32 4.33 2.65 6.29
C VAL A 32 4.50 2.58 7.82
N LEU A 33 5.12 1.51 8.29
CA LEU A 33 5.34 1.32 9.72
C LEU A 33 6.50 2.17 10.20
N LEU A 34 6.18 3.20 10.97
CA LEU A 34 7.21 4.10 11.51
C LEU A 34 7.94 3.44 12.68
N ALA A 1 9.56 -3.84 -13.69
CA ALA A 1 8.35 -3.26 -13.13
C ALA A 1 8.61 -2.64 -11.76
N GLU A 2 7.74 -1.72 -11.35
CA GLU A 2 7.88 -1.05 -10.07
C GLU A 2 6.72 -1.40 -9.14
N CYS A 3 6.91 -1.15 -7.84
CA CYS A 3 5.88 -1.44 -6.85
C CYS A 3 5.30 -0.14 -6.28
N LYS A 4 4.13 -0.25 -5.67
CA LYS A 4 3.46 0.90 -5.07
C LYS A 4 4.39 1.62 -4.09
N GLY A 5 3.94 2.76 -3.58
CA GLY A 5 4.74 3.52 -2.64
C GLY A 5 4.06 3.70 -1.30
N PHE A 6 3.88 4.94 -0.88
CA PHE A 6 3.24 5.24 0.40
C PHE A 6 1.96 6.03 0.19
N TRP A 7 1.99 6.95 -0.76
CA TRP A 7 0.83 7.77 -1.07
C TRP A 7 0.06 7.22 -2.27
N LYS A 8 0.62 6.19 -2.89
CA LYS A 8 -0.02 5.57 -4.05
C LYS A 8 -1.38 4.99 -3.68
N SER A 9 -2.08 4.47 -4.68
CA SER A 9 -3.40 3.88 -4.47
C SER A 9 -3.35 2.37 -4.61
N CYS A 10 -3.87 1.67 -3.62
CA CYS A 10 -3.89 0.21 -3.63
C CYS A 10 -5.20 -0.32 -3.05
N VAL A 11 -5.46 -1.61 -3.28
CA VAL A 11 -6.68 -2.24 -2.78
C VAL A 11 -6.36 -3.31 -1.75
N PRO A 12 -7.33 -3.61 -0.87
CA PRO A 12 -7.17 -4.61 0.17
C PRO A 12 -7.10 -6.04 -0.39
N GLY A 13 -6.13 -6.81 0.08
CA GLY A 13 -5.99 -8.18 -0.38
C GLY A 13 -4.89 -8.32 -1.42
N LYS A 14 -4.62 -7.24 -2.15
CA LYS A 14 -3.58 -7.25 -3.17
C LYS A 14 -2.21 -6.98 -2.56
N ASN A 15 -2.14 -5.95 -1.72
CA ASN A 15 -0.88 -5.58 -1.07
C ASN A 15 0.20 -5.27 -2.11
N GLU A 16 -0.16 -4.45 -3.09
CA GLU A 16 0.77 -4.06 -4.14
C GLU A 16 1.97 -3.31 -3.56
N CYS A 17 1.74 -2.65 -2.42
CA CYS A 17 2.79 -1.89 -1.76
C CYS A 17 4.05 -2.73 -1.58
N CYS A 18 5.18 -2.06 -1.41
CA CYS A 18 6.46 -2.74 -1.23
C CYS A 18 6.50 -3.45 0.13
N SER A 19 7.43 -4.38 0.27
CA SER A 19 7.58 -5.15 1.51
C SER A 19 7.74 -4.20 2.70
N GLY A 20 6.94 -4.43 3.74
CA GLY A 20 7.02 -3.59 4.93
C GLY A 20 5.87 -2.60 5.02
N TYR A 21 5.24 -2.33 3.88
CA TYR A 21 4.14 -1.39 3.83
C TYR A 21 2.80 -2.12 3.91
N ALA A 22 1.82 -1.49 4.54
CA ALA A 22 0.49 -2.07 4.69
C ALA A 22 -0.53 -1.33 3.84
N CYS A 23 -1.70 -1.94 3.65
CA CYS A 23 -2.77 -1.34 2.86
C CYS A 23 -3.99 -1.04 3.72
N SER A 24 -4.56 0.15 3.52
CA SER A 24 -5.73 0.56 4.29
C SER A 24 -6.95 0.68 3.38
N SER A 25 -7.91 -0.24 3.57
CA SER A 25 -9.13 -0.23 2.77
C SER A 25 -10.02 0.95 3.14
N ARG A 26 -9.67 1.62 4.23
CA ARG A 26 -10.45 2.78 4.68
C ARG A 26 -10.37 3.92 3.68
N ASP A 27 -9.16 4.23 3.24
CA ASP A 27 -8.95 5.30 2.27
C ASP A 27 -8.41 4.76 0.95
N LYS A 28 -8.18 3.45 0.91
CA LYS A 28 -7.66 2.80 -0.28
C LYS A 28 -6.30 3.38 -0.68
N TRP A 29 -5.38 3.41 0.27
CA TRP A 29 -4.04 3.94 0.02
C TRP A 29 -2.97 3.05 0.65
N CYS A 30 -1.73 3.49 0.58
CA CYS A 30 -0.61 2.74 1.14
C CYS A 30 -0.28 3.22 2.54
N LYS A 31 0.48 2.41 3.27
CA LYS A 31 0.87 2.75 4.64
C LYS A 31 2.31 2.31 4.91
N VAL A 32 2.96 3.02 5.83
CA VAL A 32 4.34 2.70 6.19
C VAL A 32 4.51 2.63 7.70
N LEU A 33 5.14 1.55 8.18
CA LEU A 33 5.36 1.36 9.60
C LEU A 33 6.34 2.40 10.14
N LEU A 34 5.92 3.13 11.17
CA LEU A 34 6.77 4.16 11.77
C LEU A 34 7.29 3.69 13.13
N ALA A 1 9.24 -2.95 -14.08
CA ALA A 1 8.25 -3.26 -13.06
C ALA A 1 8.52 -2.48 -11.77
N GLU A 2 7.51 -1.74 -11.32
CA GLU A 2 7.64 -0.96 -10.10
C GLU A 2 6.49 -1.22 -9.15
N CYS A 3 6.78 -1.28 -7.86
CA CYS A 3 5.77 -1.53 -6.85
C CYS A 3 5.21 -0.22 -6.30
N LYS A 4 4.04 -0.30 -5.66
CA LYS A 4 3.40 0.88 -5.09
C LYS A 4 4.34 1.61 -4.15
N GLY A 5 3.90 2.77 -3.66
CA GLY A 5 4.72 3.55 -2.76
C GLY A 5 4.09 3.70 -1.39
N PHE A 6 3.93 4.95 -0.94
CA PHE A 6 3.34 5.22 0.36
C PHE A 6 2.04 6.02 0.20
N TRP A 7 2.01 6.91 -0.78
CA TRP A 7 0.84 7.72 -1.04
C TRP A 7 0.07 7.21 -2.25
N LYS A 8 0.53 6.11 -2.82
CA LYS A 8 -0.11 5.51 -3.99
C LYS A 8 -1.48 4.94 -3.63
N SER A 9 -2.19 4.45 -4.64
CA SER A 9 -3.51 3.88 -4.42
C SER A 9 -3.49 2.37 -4.58
N CYS A 10 -3.95 1.66 -3.56
CA CYS A 10 -3.97 0.20 -3.58
C CYS A 10 -5.29 -0.33 -3.01
N VAL A 11 -5.55 -1.61 -3.24
CA VAL A 11 -6.78 -2.24 -2.75
C VAL A 11 -6.46 -3.35 -1.77
N PRO A 12 -7.43 -3.66 -0.90
CA PRO A 12 -7.28 -4.71 0.12
C PRO A 12 -7.26 -6.11 -0.49
N GLY A 13 -6.20 -6.86 -0.19
CA GLY A 13 -6.08 -8.21 -0.71
C GLY A 13 -5.00 -8.31 -1.78
N LYS A 14 -4.64 -7.18 -2.36
CA LYS A 14 -3.60 -7.15 -3.39
C LYS A 14 -2.23 -6.94 -2.79
N ASN A 15 -2.15 -6.04 -1.80
CA ASN A 15 -0.88 -5.74 -1.14
C ASN A 15 0.19 -5.38 -2.15
N GLU A 16 -0.15 -4.52 -3.10
CA GLU A 16 0.78 -4.09 -4.13
C GLU A 16 1.96 -3.32 -3.52
N CYS A 17 1.70 -2.71 -2.37
CA CYS A 17 2.73 -1.94 -1.68
C CYS A 17 4.00 -2.76 -1.50
N CYS A 18 5.13 -2.07 -1.32
CA CYS A 18 6.41 -2.73 -1.14
C CYS A 18 6.49 -3.40 0.23
N SER A 19 7.44 -4.32 0.38
CA SER A 19 7.61 -5.03 1.64
C SER A 19 7.78 -4.06 2.79
N GLY A 20 7.04 -4.31 3.88
CA GLY A 20 7.12 -3.44 5.04
C GLY A 20 5.96 -2.46 5.11
N TYR A 21 5.32 -2.24 3.97
CA TYR A 21 4.19 -1.31 3.91
C TYR A 21 2.86 -2.06 4.00
N ALA A 22 1.87 -1.42 4.61
CA ALA A 22 0.56 -2.02 4.76
C ALA A 22 -0.47 -1.32 3.88
N CYS A 23 -1.64 -1.93 3.72
CA CYS A 23 -2.71 -1.37 2.91
C CYS A 23 -3.93 -1.05 3.76
N SER A 24 -4.52 0.12 3.53
CA SER A 24 -5.70 0.54 4.28
C SER A 24 -6.91 0.66 3.37
N SER A 25 -7.86 -0.25 3.53
CA SER A 25 -9.08 -0.25 2.71
C SER A 25 -9.98 0.93 3.09
N ARG A 26 -9.64 1.60 4.18
CA ARG A 26 -10.42 2.74 4.65
C ARG A 26 -10.34 3.90 3.66
N ASP A 27 -9.12 4.21 3.23
CA ASP A 27 -8.90 5.30 2.29
C ASP A 27 -8.34 4.77 0.97
N LYS A 28 -8.12 3.46 0.91
CA LYS A 28 -7.59 2.83 -0.29
C LYS A 28 -6.23 3.43 -0.67
N TRP A 29 -5.31 3.44 0.29
CA TRP A 29 -3.97 3.98 0.06
C TRP A 29 -2.91 3.08 0.68
N CYS A 30 -1.66 3.53 0.63
CA CYS A 30 -0.54 2.77 1.18
C CYS A 30 -0.22 3.23 2.60
N LYS A 31 0.53 2.42 3.33
CA LYS A 31 0.91 2.74 4.70
C LYS A 31 2.35 2.35 4.97
N VAL A 32 3.01 3.07 5.87
CA VAL A 32 4.40 2.79 6.22
C VAL A 32 4.58 2.73 7.73
N LEU A 33 5.23 1.67 8.20
CA LEU A 33 5.47 1.49 9.62
C LEU A 33 6.52 2.48 10.13
N LEU A 34 6.38 2.89 11.39
CA LEU A 34 7.31 3.83 12.00
C LEU A 34 8.50 3.11 12.61
N ALA A 1 5.13 -2.41 -13.44
CA ALA A 1 6.57 -2.29 -13.52
C ALA A 1 7.19 -2.07 -12.14
N GLU A 2 6.86 -0.95 -11.52
CA GLU A 2 7.39 -0.62 -10.19
C GLU A 2 6.32 -0.85 -9.13
N CYS A 3 6.76 -1.22 -7.92
CA CYS A 3 5.85 -1.47 -6.81
C CYS A 3 5.28 -0.16 -6.28
N LYS A 4 4.10 -0.24 -5.67
CA LYS A 4 3.45 0.94 -5.11
C LYS A 4 4.37 1.66 -4.14
N GLY A 5 3.92 2.82 -3.66
CA GLY A 5 4.73 3.61 -2.74
C GLY A 5 4.07 3.73 -1.38
N PHE A 6 3.93 4.97 -0.91
CA PHE A 6 3.32 5.23 0.39
C PHE A 6 2.03 6.02 0.24
N TRP A 7 1.99 6.90 -0.75
CA TRP A 7 0.82 7.73 -1.00
C TRP A 7 0.07 7.23 -2.23
N LYS A 8 0.53 6.13 -2.80
CA LYS A 8 -0.11 5.57 -3.98
C LYS A 8 -1.49 5.01 -3.64
N SER A 9 -2.19 4.52 -4.66
CA SER A 9 -3.52 3.96 -4.46
C SER A 9 -3.51 2.45 -4.64
N CYS A 10 -3.84 1.73 -3.57
CA CYS A 10 -3.86 0.27 -3.60
C CYS A 10 -5.15 -0.26 -2.97
N VAL A 11 -5.44 -1.53 -3.24
CA VAL A 11 -6.64 -2.16 -2.70
C VAL A 11 -6.29 -3.27 -1.72
N PRO A 12 -7.23 -3.59 -0.81
CA PRO A 12 -7.04 -4.62 0.20
C PRO A 12 -7.02 -6.02 -0.40
N GLY A 13 -6.15 -6.88 0.12
CA GLY A 13 -6.05 -8.23 -0.38
C GLY A 13 -4.98 -8.38 -1.44
N LYS A 14 -4.58 -7.26 -2.04
CA LYS A 14 -3.56 -7.27 -3.08
C LYS A 14 -2.19 -6.96 -2.50
N ASN A 15 -2.13 -5.95 -1.63
CA ASN A 15 -0.87 -5.56 -0.99
C ASN A 15 0.20 -5.29 -2.05
N GLU A 16 -0.13 -4.43 -3.00
CA GLU A 16 0.82 -4.09 -4.07
C GLU A 16 2.01 -3.31 -3.51
N CYS A 17 1.79 -2.63 -2.39
CA CYS A 17 2.84 -1.85 -1.76
C CYS A 17 4.10 -2.68 -1.54
N CYS A 18 5.24 -2.02 -1.43
CA CYS A 18 6.51 -2.70 -1.22
C CYS A 18 6.54 -3.41 0.12
N SER A 19 7.45 -4.36 0.27
CA SER A 19 7.57 -5.12 1.51
C SER A 19 7.74 -4.18 2.71
N GLY A 20 6.94 -4.42 3.74
CA GLY A 20 7.01 -3.59 4.93
C GLY A 20 5.86 -2.60 5.01
N TYR A 21 5.24 -2.33 3.87
CA TYR A 21 4.12 -1.39 3.82
C TYR A 21 2.79 -2.13 3.89
N ALA A 22 1.80 -1.51 4.52
CA ALA A 22 0.47 -2.11 4.64
C ALA A 22 -0.55 -1.37 3.78
N CYS A 23 -1.72 -1.98 3.60
CA CYS A 23 -2.77 -1.38 2.80
C CYS A 23 -4.00 -1.08 3.65
N SER A 24 -4.57 0.11 3.47
CA SER A 24 -5.74 0.52 4.22
C SER A 24 -6.96 0.66 3.32
N SER A 25 -7.91 -0.25 3.48
CA SER A 25 -9.13 -0.24 2.67
C SER A 25 -10.03 0.94 3.05
N ARG A 26 -9.69 1.60 4.15
CA ARG A 26 -10.46 2.74 4.63
C ARG A 26 -10.37 3.90 3.65
N ASP A 27 -9.16 4.22 3.21
CA ASP A 27 -8.94 5.31 2.28
C ASP A 27 -8.38 4.79 0.95
N LYS A 28 -8.16 3.48 0.89
CA LYS A 28 -7.63 2.85 -0.31
C LYS A 28 -6.28 3.44 -0.69
N TRP A 29 -5.35 3.44 0.27
CA TRP A 29 -4.02 3.99 0.03
C TRP A 29 -2.95 3.08 0.64
N CYS A 30 -1.71 3.52 0.59
CA CYS A 30 -0.59 2.76 1.14
C CYS A 30 -0.28 3.19 2.57
N LYS A 31 0.47 2.37 3.28
CA LYS A 31 0.85 2.68 4.67
C LYS A 31 2.28 2.26 4.94
N VAL A 32 2.94 2.98 5.86
CA VAL A 32 4.32 2.68 6.21
C VAL A 32 4.49 2.60 7.73
N LEU A 33 5.14 1.53 8.19
CA LEU A 33 5.35 1.33 9.61
C LEU A 33 6.45 2.27 10.13
N LEU A 34 6.27 2.74 11.35
CA LEU A 34 7.24 3.66 11.96
C LEU A 34 8.58 2.96 12.17
N ALA A 1 6.92 -0.99 -14.21
CA ALA A 1 6.57 -2.26 -13.58
C ALA A 1 7.02 -2.29 -12.12
N GLU A 2 7.15 -1.10 -11.52
CA GLU A 2 7.56 -0.99 -10.13
C GLU A 2 6.39 -1.22 -9.19
N CYS A 3 6.70 -1.37 -7.91
CA CYS A 3 5.67 -1.61 -6.90
C CYS A 3 5.13 -0.28 -6.36
N LYS A 4 4.01 -0.35 -5.64
CA LYS A 4 3.39 0.84 -5.07
C LYS A 4 4.34 1.53 -4.09
N GLY A 5 3.93 2.69 -3.60
CA GLY A 5 4.75 3.44 -2.67
C GLY A 5 4.09 3.61 -1.31
N PHE A 6 3.98 4.85 -0.86
CA PHE A 6 3.36 5.14 0.43
C PHE A 6 2.08 5.95 0.25
N TRP A 7 2.09 6.87 -0.71
CA TRP A 7 0.94 7.71 -0.98
C TRP A 7 0.17 7.20 -2.20
N LYS A 8 0.63 6.08 -2.76
CA LYS A 8 -0.01 5.49 -3.93
C LYS A 8 -1.39 4.94 -3.57
N SER A 9 -2.10 4.46 -4.58
CA SER A 9 -3.43 3.89 -4.37
C SER A 9 -3.42 2.38 -4.54
N CYS A 10 -3.90 1.67 -3.53
CA CYS A 10 -3.95 0.21 -3.56
C CYS A 10 -5.25 -0.31 -2.97
N VAL A 11 -5.55 -1.57 -3.22
CA VAL A 11 -6.77 -2.19 -2.72
C VAL A 11 -6.45 -3.29 -1.72
N PRO A 12 -7.42 -3.59 -0.83
CA PRO A 12 -7.26 -4.63 0.18
C PRO A 12 -7.24 -6.03 -0.40
N GLY A 13 -6.22 -6.80 -0.07
CA GLY A 13 -6.11 -8.15 -0.57
C GLY A 13 -5.03 -8.29 -1.63
N LYS A 14 -4.65 -7.16 -2.23
CA LYS A 14 -3.62 -7.16 -3.26
C LYS A 14 -2.24 -6.92 -2.66
N ASN A 15 -2.14 -5.93 -1.78
CA ASN A 15 -0.87 -5.60 -1.14
C ASN A 15 0.19 -5.26 -2.17
N GLU A 16 -0.18 -4.41 -3.12
CA GLU A 16 0.75 -4.00 -4.17
C GLU A 16 1.93 -3.23 -3.58
N CYS A 17 1.73 -2.65 -2.40
CA CYS A 17 2.77 -1.89 -1.73
C CYS A 17 4.06 -2.71 -1.63
N CYS A 18 5.17 -2.02 -1.36
CA CYS A 18 6.46 -2.68 -1.23
C CYS A 18 6.59 -3.39 0.11
N SER A 19 7.67 -4.15 0.28
CA SER A 19 7.90 -4.89 1.51
C SER A 19 8.07 -3.93 2.68
N GLY A 20 7.25 -4.12 3.72
CA GLY A 20 7.34 -3.26 4.89
C GLY A 20 6.24 -2.22 4.93
N TYR A 21 5.25 -2.37 4.04
CA TYR A 21 4.14 -1.43 3.99
C TYR A 21 2.80 -2.16 4.05
N ALA A 22 1.81 -1.51 4.65
CA ALA A 22 0.48 -2.10 4.79
C ALA A 22 -0.53 -1.39 3.90
N CYS A 23 -1.69 -2.00 3.71
CA CYS A 23 -2.74 -1.43 2.89
C CYS A 23 -3.98 -1.10 3.72
N SER A 24 -4.55 0.08 3.49
CA SER A 24 -5.73 0.51 4.23
C SER A 24 -6.91 0.70 3.29
N SER A 25 -7.92 -0.16 3.43
CA SER A 25 -9.11 -0.10 2.59
C SER A 25 -9.96 1.13 2.94
N ARG A 26 -9.78 1.63 4.15
CA ARG A 26 -10.53 2.79 4.63
C ARG A 26 -10.41 3.94 3.62
N ASP A 27 -9.18 4.22 3.20
CA ASP A 27 -8.95 5.30 2.24
C ASP A 27 -8.39 4.75 0.93
N LYS A 28 -8.20 3.43 0.88
CA LYS A 28 -7.68 2.78 -0.31
C LYS A 28 -6.31 3.35 -0.69
N TRP A 29 -5.39 3.37 0.26
CA TRP A 29 -4.05 3.89 0.03
C TRP A 29 -3.01 3.00 0.67
N CYS A 30 -1.75 3.42 0.61
CA CYS A 30 -0.64 2.66 1.19
C CYS A 30 -0.35 3.13 2.60
N LYS A 31 0.45 2.35 3.32
CA LYS A 31 0.82 2.69 4.70
C LYS A 31 2.26 2.28 4.98
N VAL A 32 2.91 3.01 5.89
CA VAL A 32 4.29 2.73 6.25
C VAL A 32 4.46 2.67 7.76
N LEU A 33 5.12 1.62 8.25
CA LEU A 33 5.34 1.45 9.67
C LEU A 33 6.38 2.46 10.19
N LEU A 34 6.07 3.08 11.31
CA LEU A 34 6.98 4.06 11.91
C LEU A 34 7.79 3.43 13.05
N ALA A 1 7.11 -1.52 -14.21
CA ALA A 1 7.79 -2.64 -13.56
C ALA A 1 8.22 -2.27 -12.15
N GLU A 2 7.46 -1.40 -11.50
CA GLU A 2 7.77 -0.96 -10.15
C GLU A 2 6.63 -1.32 -9.19
N CYS A 3 6.88 -1.11 -7.90
CA CYS A 3 5.87 -1.41 -6.88
C CYS A 3 5.28 -0.11 -6.31
N LYS A 4 4.11 -0.23 -5.69
CA LYS A 4 3.44 0.93 -5.11
C LYS A 4 4.36 1.65 -4.13
N GLY A 5 3.89 2.79 -3.64
CA GLY A 5 4.68 3.57 -2.69
C GLY A 5 4.01 3.71 -1.34
N PHE A 6 3.91 4.94 -0.85
CA PHE A 6 3.29 5.20 0.44
C PHE A 6 1.99 6.00 0.26
N TRP A 7 1.98 6.87 -0.74
CA TRP A 7 0.80 7.69 -1.01
C TRP A 7 0.04 7.18 -2.23
N LYS A 8 0.51 6.07 -2.79
CA LYS A 8 -0.12 5.47 -3.95
C LYS A 8 -1.49 4.89 -3.59
N SER A 9 -2.20 4.40 -4.60
CA SER A 9 -3.53 3.82 -4.39
C SER A 9 -3.50 2.31 -4.57
N CYS A 10 -3.79 1.58 -3.49
CA CYS A 10 -3.80 0.12 -3.53
C CYS A 10 -5.11 -0.43 -2.96
N VAL A 11 -5.47 -1.63 -3.40
CA VAL A 11 -6.68 -2.27 -2.93
C VAL A 11 -6.39 -3.29 -1.84
N PRO A 12 -7.39 -3.55 -0.98
CA PRO A 12 -7.26 -4.51 0.12
C PRO A 12 -7.18 -5.95 -0.38
N GLY A 13 -6.20 -6.68 0.15
CA GLY A 13 -6.04 -8.08 -0.25
C GLY A 13 -4.93 -8.25 -1.27
N LYS A 14 -4.57 -7.16 -1.94
CA LYS A 14 -3.51 -7.20 -2.95
C LYS A 14 -2.15 -6.89 -2.33
N ASN A 15 -2.08 -5.80 -1.59
CA ASN A 15 -0.83 -5.40 -0.94
C ASN A 15 0.26 -5.14 -1.98
N GLU A 16 -0.07 -4.36 -3.00
CA GLU A 16 0.88 -4.03 -4.06
C GLU A 16 2.08 -3.27 -3.50
N CYS A 17 1.86 -2.58 -2.39
CA CYS A 17 2.91 -1.81 -1.75
C CYS A 17 4.16 -2.66 -1.53
N CYS A 18 5.31 -2.01 -1.46
CA CYS A 18 6.58 -2.71 -1.26
C CYS A 18 6.59 -3.41 0.10
N SER A 19 7.48 -4.39 0.24
CA SER A 19 7.60 -5.15 1.48
C SER A 19 7.76 -4.21 2.68
N GLY A 20 6.98 -4.45 3.72
CA GLY A 20 7.04 -3.63 4.91
C GLY A 20 5.90 -2.64 4.99
N TYR A 21 5.25 -2.38 3.86
CA TYR A 21 4.14 -1.44 3.80
C TYR A 21 2.80 -2.18 3.92
N ALA A 22 1.82 -1.52 4.51
CA ALA A 22 0.50 -2.10 4.69
C ALA A 22 -0.53 -1.42 3.80
N CYS A 23 -1.69 -2.05 3.65
CA CYS A 23 -2.76 -1.49 2.84
C CYS A 23 -3.98 -1.15 3.68
N SER A 24 -4.57 0.02 3.42
CA SER A 24 -5.74 0.46 4.16
C SER A 24 -6.92 0.69 3.22
N SER A 25 -7.93 -0.17 3.33
CA SER A 25 -9.11 -0.08 2.49
C SER A 25 -9.96 1.12 2.89
N ARG A 26 -9.79 1.58 4.12
CA ARG A 26 -10.55 2.72 4.63
C ARG A 26 -10.43 3.91 3.67
N ASP A 27 -9.20 4.21 3.26
CA ASP A 27 -8.96 5.32 2.35
C ASP A 27 -8.42 4.82 1.01
N LYS A 28 -8.21 3.52 0.92
CA LYS A 28 -7.70 2.91 -0.30
C LYS A 28 -6.33 3.49 -0.67
N TRP A 29 -5.41 3.47 0.28
CA TRP A 29 -4.07 4.00 0.05
C TRP A 29 -3.01 3.07 0.65
N CYS A 30 -1.76 3.49 0.59
CA CYS A 30 -0.65 2.70 1.12
C CYS A 30 -0.31 3.13 2.55
N LYS A 31 0.46 2.30 3.24
CA LYS A 31 0.86 2.59 4.61
C LYS A 31 2.31 2.20 4.85
N VAL A 32 2.98 2.93 5.73
CA VAL A 32 4.38 2.67 6.05
C VAL A 32 4.59 2.60 7.56
N LEU A 33 5.28 1.55 8.01
CA LEU A 33 5.56 1.38 9.43
C LEU A 33 6.68 2.30 9.89
N LEU A 34 6.31 3.43 10.47
CA LEU A 34 7.29 4.40 10.96
C LEU A 34 8.11 3.82 12.10
N ALA A 1 8.19 -3.34 -13.65
CA ALA A 1 8.27 -4.23 -12.50
C ALA A 1 8.38 -3.44 -11.20
N GLU A 2 7.85 -2.21 -11.20
CA GLU A 2 7.90 -1.36 -10.03
C GLU A 2 6.78 -1.70 -9.06
N CYS A 3 6.88 -1.18 -7.84
CA CYS A 3 5.87 -1.45 -6.81
C CYS A 3 5.31 -0.14 -6.25
N LYS A 4 4.15 -0.21 -5.62
CA LYS A 4 3.50 0.96 -5.05
C LYS A 4 4.44 1.66 -4.06
N GLY A 5 4.01 2.82 -3.56
CA GLY A 5 4.82 3.56 -2.61
C GLY A 5 4.14 3.70 -1.27
N PHE A 6 3.91 4.95 -0.86
CA PHE A 6 3.28 5.23 0.43
C PHE A 6 1.98 6.00 0.23
N TRP A 7 2.00 6.94 -0.71
CA TRP A 7 0.83 7.76 -0.99
C TRP A 7 0.08 7.24 -2.22
N LYS A 8 0.57 6.13 -2.77
CA LYS A 8 -0.06 5.52 -3.95
C LYS A 8 -1.41 4.93 -3.60
N SER A 9 -2.10 4.41 -4.61
CA SER A 9 -3.42 3.82 -4.42
C SER A 9 -3.36 2.30 -4.56
N CYS A 10 -3.80 1.59 -3.54
CA CYS A 10 -3.79 0.13 -3.56
C CYS A 10 -5.11 -0.42 -3.00
N VAL A 11 -5.44 -1.65 -3.39
CA VAL A 11 -6.66 -2.29 -2.93
C VAL A 11 -6.36 -3.34 -1.86
N PRO A 12 -7.35 -3.63 -1.01
CA PRO A 12 -7.22 -4.61 0.06
C PRO A 12 -7.14 -6.04 -0.46
N GLY A 13 -6.21 -6.82 0.08
CA GLY A 13 -6.05 -8.19 -0.35
C GLY A 13 -4.94 -8.36 -1.37
N LYS A 14 -4.56 -7.26 -2.01
CA LYS A 14 -3.50 -7.29 -3.01
C LYS A 14 -2.15 -6.93 -2.40
N ASN A 15 -2.12 -5.84 -1.64
CA ASN A 15 -0.89 -5.39 -0.98
C ASN A 15 0.22 -5.16 -2.01
N GLU A 16 -0.10 -4.40 -3.06
CA GLU A 16 0.86 -4.11 -4.11
C GLU A 16 2.06 -3.35 -3.55
N CYS A 17 1.84 -2.65 -2.44
CA CYS A 17 2.90 -1.87 -1.80
C CYS A 17 4.14 -2.74 -1.58
N CYS A 18 5.30 -2.09 -1.50
CA CYS A 18 6.55 -2.80 -1.29
C CYS A 18 6.57 -3.49 0.08
N SER A 19 7.45 -4.45 0.24
CA SER A 19 7.57 -5.19 1.49
C SER A 19 7.74 -4.23 2.67
N GLY A 20 6.95 -4.43 3.71
CA GLY A 20 7.03 -3.58 4.89
C GLY A 20 5.88 -2.59 4.97
N TYR A 21 5.25 -2.34 3.84
CA TYR A 21 4.14 -1.40 3.78
C TYR A 21 2.80 -2.14 3.90
N ALA A 22 1.82 -1.48 4.52
CA ALA A 22 0.50 -2.07 4.69
C ALA A 22 -0.53 -1.37 3.81
N CYS A 23 -1.71 -1.99 3.68
CA CYS A 23 -2.77 -1.42 2.86
C CYS A 23 -3.99 -1.08 3.73
N SER A 24 -4.56 0.09 3.48
CA SER A 24 -5.73 0.54 4.24
C SER A 24 -6.93 0.73 3.32
N SER A 25 -7.93 -0.14 3.46
CA SER A 25 -9.14 -0.06 2.65
C SER A 25 -9.98 1.14 3.03
N ARG A 26 -9.78 1.64 4.24
CA ARG A 26 -10.53 2.78 4.75
C ARG A 26 -10.43 3.95 3.75
N ASP A 27 -9.22 4.25 3.30
CA ASP A 27 -9.00 5.33 2.36
C ASP A 27 -8.48 4.81 1.03
N LYS A 28 -8.28 3.49 0.96
CA LYS A 28 -7.78 2.86 -0.26
C LYS A 28 -6.43 3.44 -0.65
N TRP A 29 -5.49 3.44 0.29
CA TRP A 29 -4.15 3.96 0.04
C TRP A 29 -3.08 3.05 0.64
N CYS A 30 -1.83 3.47 0.56
CA CYS A 30 -0.72 2.70 1.10
C CYS A 30 -0.36 3.16 2.51
N LYS A 31 0.43 2.36 3.21
CA LYS A 31 0.85 2.68 4.56
C LYS A 31 2.30 2.28 4.80
N VAL A 32 2.97 3.02 5.67
CA VAL A 32 4.38 2.74 5.98
C VAL A 32 4.59 2.68 7.49
N LEU A 33 5.28 1.63 7.95
CA LEU A 33 5.56 1.46 9.37
C LEU A 33 6.49 2.55 9.88
N LEU A 34 6.14 3.11 11.03
CA LEU A 34 6.95 4.17 11.63
C LEU A 34 8.36 3.68 11.96
N ALA A 1 8.49 -2.21 -14.67
CA ALA A 1 7.70 -2.71 -13.56
C ALA A 1 8.18 -2.12 -12.24
N GLU A 2 7.24 -1.62 -11.44
CA GLU A 2 7.57 -1.03 -10.15
C GLU A 2 6.47 -1.28 -9.14
N CYS A 3 6.82 -1.25 -7.85
CA CYS A 3 5.86 -1.47 -6.79
C CYS A 3 5.31 -0.15 -6.26
N LYS A 4 4.13 -0.21 -5.64
CA LYS A 4 3.50 0.98 -5.09
C LYS A 4 4.43 1.68 -4.10
N GLY A 5 4.02 2.84 -3.63
CA GLY A 5 4.82 3.60 -2.68
C GLY A 5 4.16 3.73 -1.32
N PHE A 6 3.93 4.97 -0.90
CA PHE A 6 3.29 5.23 0.39
C PHE A 6 2.00 6.01 0.21
N TRP A 7 2.02 6.96 -0.73
CA TRP A 7 0.84 7.78 -1.00
C TRP A 7 0.10 7.28 -2.23
N LYS A 8 0.57 6.19 -2.80
CA LYS A 8 -0.04 5.60 -3.98
C LYS A 8 -1.41 5.02 -3.64
N SER A 9 -2.11 4.52 -4.67
CA SER A 9 -3.43 3.94 -4.48
C SER A 9 -3.38 2.43 -4.65
N CYS A 10 -3.88 1.71 -3.66
CA CYS A 10 -3.90 0.25 -3.69
C CYS A 10 -5.21 -0.30 -3.12
N VAL A 11 -5.45 -1.59 -3.32
CA VAL A 11 -6.66 -2.23 -2.83
C VAL A 11 -6.34 -3.26 -1.76
N PRO A 12 -7.33 -3.55 -0.90
CA PRO A 12 -7.18 -4.51 0.19
C PRO A 12 -7.07 -5.95 -0.31
N GLY A 13 -6.15 -6.71 0.28
CA GLY A 13 -5.96 -8.09 -0.13
C GLY A 13 -4.86 -8.25 -1.16
N LYS A 14 -4.62 -7.20 -1.94
CA LYS A 14 -3.59 -7.22 -2.96
C LYS A 14 -2.21 -6.95 -2.35
N ASN A 15 -2.11 -5.87 -1.60
CA ASN A 15 -0.85 -5.50 -0.95
C ASN A 15 0.22 -5.20 -2.00
N GLU A 16 -0.13 -4.43 -3.01
CA GLU A 16 0.80 -4.08 -4.08
C GLU A 16 1.99 -3.30 -3.52
N CYS A 17 1.77 -2.62 -2.39
CA CYS A 17 2.83 -1.84 -1.75
C CYS A 17 4.09 -2.68 -1.56
N CYS A 18 5.23 -2.01 -1.45
CA CYS A 18 6.50 -2.69 -1.27
C CYS A 18 6.55 -3.41 0.07
N SER A 19 7.48 -4.35 0.20
CA SER A 19 7.62 -5.13 1.44
C SER A 19 7.77 -4.21 2.64
N GLY A 20 6.94 -4.42 3.66
CA GLY A 20 6.99 -3.61 4.85
C GLY A 20 5.85 -2.63 4.94
N TYR A 21 5.22 -2.35 3.81
CA TYR A 21 4.09 -1.42 3.75
C TYR A 21 2.77 -2.17 3.81
N ALA A 22 1.78 -1.55 4.45
CA ALA A 22 0.46 -2.14 4.58
C ALA A 22 -0.57 -1.40 3.73
N CYS A 23 -1.74 -2.01 3.55
CA CYS A 23 -2.80 -1.41 2.76
C CYS A 23 -4.02 -1.10 3.62
N SER A 24 -4.58 0.08 3.45
CA SER A 24 -5.75 0.49 4.22
C SER A 24 -6.98 0.63 3.31
N SER A 25 -7.94 -0.28 3.50
CA SER A 25 -9.16 -0.27 2.70
C SER A 25 -10.04 0.90 3.08
N ARG A 26 -9.70 1.57 4.17
CA ARG A 26 -10.47 2.71 4.65
C ARG A 26 -10.39 3.88 3.66
N ASP A 27 -9.17 4.19 3.23
CA ASP A 27 -8.96 5.28 2.29
C ASP A 27 -8.41 4.75 0.96
N LYS A 28 -8.19 3.45 0.89
CA LYS A 28 -7.67 2.81 -0.31
C LYS A 28 -6.32 3.41 -0.70
N TRP A 29 -5.39 3.41 0.25
CA TRP A 29 -4.06 3.95 0.03
C TRP A 29 -2.99 3.04 0.63
N CYS A 30 -1.74 3.49 0.58
CA CYS A 30 -0.63 2.71 1.12
C CYS A 30 -0.32 3.15 2.55
N LYS A 31 0.45 2.34 3.26
CA LYS A 31 0.83 2.64 4.63
C LYS A 31 2.27 2.22 4.91
N VAL A 32 2.92 2.92 5.84
CA VAL A 32 4.30 2.61 6.20
C VAL A 32 4.47 2.54 7.70
N LEU A 33 5.09 1.46 8.17
CA LEU A 33 5.32 1.26 9.60
C LEU A 33 6.31 2.28 10.14
N LEU A 34 5.86 3.08 11.10
CA LEU A 34 6.69 4.11 11.71
C LEU A 34 7.86 3.48 12.46
#